data_2AJ4
#
_entry.id   2AJ4
#
_cell.length_a   63.300
_cell.length_b   85.000
_cell.length_c   112.300
_cell.angle_alpha   90.00
_cell.angle_beta   96.70
_cell.angle_gamma   90.00
#
_symmetry.space_group_name_H-M   'P 1 21 1'
#
loop_
_entity.id
_entity.type
_entity.pdbx_description
1 polymer Galactokinase
2 non-polymer alpha-D-galactopyranose
3 non-polymer 'MAGNESIUM ION'
4 non-polymer 'CHLORIDE ION'
5 non-polymer 'PHOSPHOAMINOPHOSPHONIC ACID-ADENYLATE ESTER'
6 water water
#
_entity_poly.entity_id   1
_entity_poly.type   'polypeptide(L)'
_entity_poly.pdbx_seq_one_letter_code
;MGSSHHHHHHSSENLYFQGHMTKSHSEEVIVPEFNSSAKELPRPLAEKCPSIIKKFISAYDAKPDFVARSPGRVNLIGEH
IDYCDFSVLPLAIDFDMLCAVKVLNEKNPSITLINADPKFAQRKFDLPLDGSYVTIDPSVSDWSNYFKCGLHVAHSFLKK
LAPERFASAPLAGLQVFCEGDVPTGSGLSSSAAFICAVALAVVKANMGPGYHMSKQNLMRITVVAEHYVGVNNGGMDQAA
SVCGEEDHALYVEFKPQLKATPFKFPQLKNHEISFVIANTLVVSNKFETAPTNYNLRVVEVTTAANVLAATYGVVLLSGK
EGSSTNKGNLRDFMNVYYARYHNISTPWNGDIESGIERLTKMLVLVEESLANKKQGFSVDDVAQSLNCSREEFTRDYLTT
SPVRFQVLKLYQRAKHVYSESLRVLKAVKLMTTASFTADEDFFKQFGALMNESQASCDKLYECSCPEIDKICSIALSNGS
YGSRLTGAGWGGCTVHLVPGGPNGNIEKVKEALANEFYKVKYPKITDAELENAIIVSKPALGSCLYEL
;
_entity_poly.pdbx_strand_id   A,B
#
loop_
_chem_comp.id
_chem_comp.type
_chem_comp.name
_chem_comp.formula
ANP non-polymer 'PHOSPHOAMINOPHOSPHONIC ACID-ADENYLATE ESTER' 'C10 H17 N6 O12 P3'
CL non-polymer 'CHLORIDE ION' 'Cl -1'
GLA D-saccharide, alpha linking alpha-D-galactopyranose 'C6 H12 O6'
MG non-polymer 'MAGNESIUM ION' 'Mg 2'
#
# COMPACT_ATOMS: atom_id res chain seq x y z
N VAL A 29 40.22 -7.55 -12.86
CA VAL A 29 40.25 -7.62 -11.41
C VAL A 29 38.86 -7.69 -10.81
N ILE A 30 38.79 -8.42 -9.71
CA ILE A 30 37.54 -8.56 -9.01
C ILE A 30 37.57 -7.77 -7.73
N VAL A 31 36.38 -7.67 -7.13
CA VAL A 31 36.26 -7.00 -5.86
C VAL A 31 36.87 -7.98 -4.84
N PRO A 32 37.78 -7.51 -3.97
CA PRO A 32 38.47 -8.38 -3.03
C PRO A 32 37.65 -8.93 -1.91
N GLU A 33 37.67 -10.26 -1.81
CA GLU A 33 36.99 -10.94 -0.74
C GLU A 33 38.03 -11.31 0.27
N PHE A 34 37.73 -11.05 1.51
CA PHE A 34 38.64 -11.36 2.61
C PHE A 34 37.97 -12.28 3.57
N ASN A 35 38.80 -13.07 4.23
CA ASN A 35 38.36 -14.02 5.25
C ASN A 35 39.16 -13.88 6.52
N SER A 36 38.80 -14.67 7.51
CA SER A 36 39.47 -14.68 8.80
C SER A 36 40.95 -15.03 8.67
N SER A 37 41.19 -16.05 7.87
CA SER A 37 42.54 -16.51 7.60
C SER A 37 43.34 -15.37 6.97
N ALA A 38 42.75 -14.77 5.95
CA ALA A 38 43.37 -13.65 5.23
C ALA A 38 44.09 -12.72 6.19
N GLU A 40 47.13 -11.15 6.75
CA GLU A 40 46.87 -9.76 7.10
C GLU A 40 45.60 -9.20 6.43
N LEU A 41 44.76 -8.52 7.25
CA LEU A 41 43.52 -7.91 6.80
C LEU A 41 43.72 -6.44 6.69
N PRO A 42 43.04 -5.86 5.70
CA PRO A 42 43.05 -4.43 5.47
C PRO A 42 42.74 -3.76 6.79
N ARG A 43 43.49 -2.70 7.09
CA ARG A 43 43.28 -2.03 8.35
C ARG A 43 41.81 -1.90 8.76
N PRO A 44 41.06 -1.15 7.94
CA PRO A 44 39.65 -0.88 8.12
C PRO A 44 38.81 -2.09 8.49
N LEU A 45 39.01 -3.19 7.79
CA LEU A 45 38.26 -4.38 8.10
C LEU A 45 38.60 -4.86 9.49
N ALA A 46 39.92 -4.95 9.67
CA ALA A 46 40.59 -5.39 10.88
C ALA A 46 40.10 -4.61 12.06
N GLU A 47 39.98 -3.33 11.80
CA GLU A 47 39.52 -2.41 12.80
C GLU A 47 38.00 -2.36 13.13
N LYS A 48 37.14 -2.47 12.10
CA LYS A 48 35.70 -2.29 12.28
C LYS A 48 34.80 -3.53 12.27
N CYS A 49 35.13 -4.52 11.51
CA CYS A 49 34.25 -5.67 11.47
C CYS A 49 33.76 -6.21 12.82
N PRO A 50 34.74 -6.58 13.63
CA PRO A 50 34.47 -7.17 14.92
C PRO A 50 33.31 -6.49 15.64
N SER A 51 33.42 -5.19 15.70
CA SER A 51 32.39 -4.45 16.34
C SER A 51 31.04 -4.56 15.62
N ILE A 52 31.06 -4.38 14.31
CA ILE A 52 29.81 -4.44 13.61
C ILE A 52 29.19 -5.79 13.74
N ILE A 53 30.09 -6.73 13.83
CA ILE A 53 29.67 -8.08 13.97
C ILE A 53 28.87 -8.24 15.26
N LYS A 54 29.37 -7.64 16.32
CA LYS A 54 28.66 -7.71 17.57
C LYS A 54 27.30 -7.03 17.47
N LYS A 55 27.28 -5.89 16.82
CA LYS A 55 26.03 -5.16 16.68
C LYS A 55 24.98 -5.96 15.94
N PHE A 56 25.45 -6.70 14.96
CA PHE A 56 24.52 -7.52 14.20
C PHE A 56 23.89 -8.60 15.10
N ILE A 57 24.72 -9.26 15.88
CA ILE A 57 24.23 -10.29 16.76
C ILE A 57 23.21 -9.70 17.69
N SER A 58 23.56 -8.57 18.28
CA SER A 58 22.67 -7.88 19.21
C SER A 58 21.38 -7.55 18.52
N ALA A 59 21.48 -7.21 17.25
CA ALA A 59 20.28 -6.82 16.52
C ALA A 59 19.39 -7.97 16.06
N TYR A 60 20.01 -8.98 15.51
CA TYR A 60 19.30 -10.08 14.93
C TYR A 60 19.45 -11.39 15.65
N ASP A 61 20.25 -11.48 16.71
CA ASP A 61 20.35 -12.78 17.42
C ASP A 61 20.87 -13.94 16.57
N ALA A 62 21.88 -13.62 15.80
CA ALA A 62 22.47 -14.58 14.90
C ALA A 62 23.63 -13.88 14.33
N LYS A 63 24.51 -14.71 13.77
CA LYS A 63 25.70 -14.15 13.14
C LYS A 63 25.49 -13.84 11.66
N PRO A 64 26.05 -12.72 11.21
CA PRO A 64 25.94 -12.33 9.81
C PRO A 64 26.70 -13.33 8.95
N ASP A 65 26.46 -13.30 7.67
CA ASP A 65 27.17 -14.19 6.79
C ASP A 65 28.45 -13.49 6.29
N PHE A 66 28.30 -12.24 5.86
CA PHE A 66 29.44 -11.47 5.38
C PHE A 66 29.26 -10.01 5.69
N VAL A 67 30.33 -9.26 5.43
CA VAL A 67 30.34 -7.84 5.65
C VAL A 67 30.84 -7.16 4.41
N ALA A 68 30.02 -6.26 3.84
CA ALA A 68 30.41 -5.50 2.65
C ALA A 68 30.79 -4.09 3.09
N ARG A 69 31.86 -3.61 2.49
CA ARG A 69 32.36 -2.27 2.77
C ARG A 69 32.60 -1.49 1.50
N SER A 70 32.39 -0.18 1.58
CA SER A 70 32.66 0.73 0.47
C SER A 70 33.02 2.07 1.06
N PRO A 71 34.19 2.61 0.67
CA PRO A 71 34.65 3.86 1.27
C PRO A 71 34.02 5.16 0.70
N GLY A 72 34.37 6.24 1.36
CA GLY A 72 33.98 7.58 0.95
C GLY A 72 35.06 8.06 -0.04
N ARG A 73 35.05 9.31 -0.44
CA ARG A 73 36.05 9.71 -1.42
C ARG A 73 36.30 11.18 -1.34
N VAL A 74 37.41 11.50 -1.92
CA VAL A 74 37.85 12.87 -2.05
C VAL A 74 38.21 13.10 -3.51
N ASN A 75 37.82 14.26 -4.04
CA ASN A 75 38.13 14.61 -5.42
C ASN A 75 39.20 15.67 -5.40
N LEU A 76 40.38 15.30 -5.86
CA LEU A 76 41.51 16.23 -5.84
C LEU A 76 41.27 17.46 -6.69
N ILE A 77 40.69 17.21 -7.88
CA ILE A 77 40.41 18.27 -8.84
C ILE A 77 39.48 17.70 -9.90
N GLY A 78 38.82 18.57 -10.65
CA GLY A 78 37.87 18.13 -11.68
C GLY A 78 36.45 18.11 -11.11
N GLU A 79 35.98 19.27 -10.63
CA GLU A 79 34.65 19.35 -10.02
C GLU A 79 33.56 19.70 -11.02
N HIS A 80 32.41 19.05 -10.89
CA HIS A 80 31.25 19.35 -11.73
C HIS A 80 31.49 19.22 -13.23
N ILE A 81 32.28 18.22 -13.67
CA ILE A 81 32.57 17.95 -15.08
C ILE A 81 32.22 16.49 -15.43
N ASP A 82 32.01 15.71 -14.37
CA ASP A 82 31.69 14.31 -14.53
C ASP A 82 30.46 14.14 -15.38
N TYR A 83 29.42 14.87 -15.04
CA TYR A 83 28.19 14.79 -15.79
C TYR A 83 28.33 15.33 -17.21
N CYS A 84 29.53 15.77 -17.56
CA CYS A 84 29.67 16.20 -18.93
C CYS A 84 30.58 15.22 -19.63
N ASP A 85 30.92 14.14 -18.93
CA ASP A 85 31.80 13.13 -19.47
C ASP A 85 33.27 13.49 -19.42
N PHE A 86 33.58 14.54 -18.67
CA PHE A 86 34.96 14.91 -18.48
C PHE A 86 35.58 14.07 -17.33
N SER A 87 36.86 13.75 -17.48
CA SER A 87 37.63 12.94 -16.57
C SER A 87 38.02 13.67 -15.30
N VAL A 88 38.06 12.92 -14.19
CA VAL A 88 38.35 13.49 -12.85
C VAL A 88 39.51 12.83 -12.08
N LEU A 89 39.86 13.45 -10.93
CA LEU A 89 40.94 13.02 -10.06
C LEU A 89 40.61 12.84 -8.59
N PRO A 90 39.91 11.77 -8.35
CA PRO A 90 39.42 11.37 -7.05
C PRO A 90 40.36 10.42 -6.32
N LEU A 91 39.95 10.13 -5.12
CA LEU A 91 40.67 9.29 -4.19
C LEU A 91 39.72 8.71 -3.14
N ALA A 92 39.89 7.44 -2.86
CA ALA A 92 39.11 6.83 -1.80
C ALA A 92 39.78 7.07 -0.44
N ILE A 93 38.96 7.31 0.57
CA ILE A 93 39.41 7.60 1.91
C ILE A 93 38.99 6.57 2.95
N ASP A 94 39.63 6.66 4.10
CA ASP A 94 39.50 5.82 5.28
C ASP A 94 38.19 5.98 6.02
N PHE A 95 37.21 6.45 5.33
CA PHE A 95 35.89 6.59 5.87
C PHE A 95 35.04 5.68 5.01
N ASP A 96 34.19 4.88 5.61
CA ASP A 96 33.42 3.98 4.80
C ASP A 96 32.04 3.65 5.38
N MET A 97 31.37 2.75 4.63
CA MET A 97 30.07 2.20 4.97
C MET A 97 30.20 0.69 5.07
N LEU A 98 29.73 0.15 6.17
CA LEU A 98 29.77 -1.29 6.35
C LEU A 98 28.41 -1.87 6.40
N CYS A 99 28.23 -2.99 5.70
CA CYS A 99 26.95 -3.70 5.69
C CYS A 99 27.10 -5.12 6.14
N ALA A 100 26.54 -5.43 7.31
CA ALA A 100 26.57 -6.78 7.86
C ALA A 100 25.30 -7.44 7.37
N VAL A 101 25.50 -8.55 6.71
CA VAL A 101 24.36 -9.17 6.16
C VAL A 101 24.19 -10.61 6.52
N LYS A 102 22.92 -10.99 6.64
CA LYS A 102 22.47 -12.35 6.83
C LYS A 102 21.46 -12.74 5.76
N VAL A 103 21.72 -13.88 5.07
CA VAL A 103 20.82 -14.35 4.02
C VAL A 103 19.74 -15.30 4.51
N LEU A 104 18.51 -15.02 4.15
CA LEU A 104 17.43 -15.82 4.67
C LEU A 104 16.72 -16.72 3.68
N ASN A 105 16.06 -17.72 4.24
CA ASN A 105 15.23 -18.63 3.46
C ASN A 105 13.79 -18.37 3.90
N GLU A 106 13.07 -17.52 3.21
CA GLU A 106 11.70 -17.25 3.61
C GLU A 106 10.73 -17.59 2.49
N LYS A 107 9.53 -17.91 2.93
CA LYS A 107 8.43 -18.18 2.03
C LYS A 107 8.13 -16.87 1.29
N ASN A 108 7.98 -15.80 2.07
CA ASN A 108 7.73 -14.43 1.59
C ASN A 108 8.83 -13.48 2.02
N PRO A 109 9.88 -13.47 1.19
CA PRO A 109 11.08 -12.68 1.36
C PRO A 109 10.88 -11.21 1.59
N SER A 110 11.70 -10.73 2.54
CA SER A 110 11.69 -9.32 2.87
C SER A 110 13.09 -8.88 3.25
N ILE A 111 13.17 -7.57 3.44
CA ILE A 111 14.39 -6.92 3.88
C ILE A 111 14.12 -6.04 5.06
N THR A 112 14.95 -6.26 6.09
CA THR A 112 14.98 -5.61 7.37
C THR A 112 16.27 -4.84 7.40
N LEU A 113 16.14 -3.55 7.71
CA LEU A 113 17.27 -2.63 7.77
C LEU A 113 17.44 -2.05 9.13
N ILE A 114 18.64 -2.21 9.63
CA ILE A 114 18.98 -1.63 10.90
C ILE A 114 20.24 -0.78 10.78
N ASN A 115 20.23 0.39 11.43
CA ASN A 115 21.34 1.32 11.33
C ASN A 115 21.99 1.58 12.67
N ALA A 116 23.30 1.72 12.73
CA ALA A 116 23.93 1.98 14.01
C ALA A 116 23.51 3.33 14.55
N ASP A 117 23.11 4.22 13.64
CA ASP A 117 22.69 5.60 13.92
C ASP A 117 21.21 5.79 14.14
N PRO A 118 20.90 6.23 15.34
CA PRO A 118 19.55 6.51 15.78
C PRO A 118 18.83 7.38 14.77
N LYS A 119 19.60 8.28 14.15
CA LYS A 119 19.07 9.15 13.14
C LYS A 119 18.34 8.32 12.10
N PHE A 120 18.83 7.11 11.88
CA PHE A 120 18.24 6.25 10.86
C PHE A 120 17.43 5.14 11.47
N ALA A 121 16.12 5.29 11.31
CA ALA A 121 15.21 4.34 11.87
C ALA A 121 15.12 3.07 11.06
N GLN A 122 14.75 2.06 11.80
CA GLN A 122 14.62 0.75 11.28
C GLN A 122 13.57 0.72 10.22
N ARG A 123 13.86 0.01 9.16
CA ARG A 123 12.94 -0.17 8.04
C ARG A 123 12.79 -1.66 7.68
N LYS A 124 11.65 -1.99 7.12
CA LYS A 124 11.40 -3.36 6.79
C LYS A 124 10.44 -3.52 5.63
N PHE A 125 10.81 -4.20 4.58
CA PHE A 125 9.87 -4.36 3.49
C PHE A 125 9.93 -5.71 2.75
N ASP A 126 8.81 -6.04 2.11
CA ASP A 126 8.65 -7.26 1.36
C ASP A 126 9.06 -7.08 -0.06
N LEU A 127 9.67 -8.15 -0.54
CA LEU A 127 10.12 -8.22 -1.91
C LEU A 127 9.02 -8.90 -2.71
N PRO A 128 8.62 -8.23 -3.81
CA PRO A 128 7.61 -8.75 -4.71
C PRO A 128 7.94 -10.14 -5.17
N LEU A 129 6.94 -10.97 -5.02
CA LEU A 129 7.05 -12.37 -5.39
C LEU A 129 7.28 -12.62 -6.86
N ASP A 130 6.70 -11.77 -7.70
CA ASP A 130 6.83 -11.92 -9.15
C ASP A 130 8.20 -11.59 -9.73
N GLY A 131 9.08 -11.06 -8.90
CA GLY A 131 10.39 -10.66 -9.39
C GLY A 131 10.39 -9.22 -9.90
N SER A 132 9.37 -8.45 -9.56
CA SER A 132 9.36 -7.07 -9.99
C SER A 132 10.14 -6.26 -8.99
N TYR A 133 10.42 -5.05 -9.38
CA TYR A 133 11.16 -4.10 -8.57
C TYR A 133 10.33 -3.41 -7.52
N VAL A 134 11.05 -3.04 -6.48
CA VAL A 134 10.48 -2.32 -5.38
C VAL A 134 10.37 -0.85 -5.79
N THR A 135 9.25 -0.25 -5.40
CA THR A 135 9.01 1.16 -5.73
C THR A 135 9.91 2.07 -4.93
N ILE A 136 10.53 3.00 -5.66
CA ILE A 136 11.36 4.03 -5.06
C ILE A 136 10.60 5.35 -5.20
N ASP A 137 10.32 6.00 -4.08
CA ASP A 137 9.63 7.26 -4.10
C ASP A 137 10.47 8.43 -3.59
N PRO A 138 10.94 9.30 -4.50
CA PRO A 138 11.74 10.46 -4.15
C PRO A 138 10.96 11.47 -3.34
N SER A 139 9.63 11.37 -3.49
CA SER A 139 8.67 12.22 -2.78
C SER A 139 9.00 12.31 -1.30
N VAL A 140 9.72 11.28 -0.84
CA VAL A 140 10.19 11.18 0.51
C VAL A 140 11.70 11.19 0.55
N SER A 141 12.19 11.81 1.60
CA SER A 141 13.60 11.77 1.85
C SER A 141 13.73 10.79 3.02
N ASP A 142 14.14 9.56 2.65
CA ASP A 142 14.29 8.47 3.59
C ASP A 142 15.48 7.61 3.22
N TRP A 143 16.22 7.19 4.23
CA TRP A 143 17.42 6.42 4.03
C TRP A 143 17.25 5.11 3.31
N SER A 144 16.09 4.50 3.47
CA SER A 144 15.81 3.23 2.83
C SER A 144 15.76 3.38 1.34
N ASN A 145 15.54 4.63 0.93
CA ASN A 145 15.46 4.93 -0.48
C ASN A 145 16.78 4.67 -1.18
N TYR A 146 17.83 5.09 -0.49
CA TYR A 146 19.21 4.95 -0.88
C TYR A 146 19.59 3.47 -0.90
N PHE A 147 19.01 2.72 0.03
CA PHE A 147 19.22 1.31 0.06
C PHE A 147 18.58 0.74 -1.19
N LYS A 148 17.31 1.12 -1.39
CA LYS A 148 16.55 0.63 -2.53
C LYS A 148 17.24 0.91 -3.84
N CYS A 149 18.01 2.00 -3.83
CA CYS A 149 18.71 2.40 -5.00
C CYS A 149 19.75 1.38 -5.34
N GLY A 150 20.48 0.95 -4.34
CA GLY A 150 21.51 -0.03 -4.62
C GLY A 150 20.91 -1.38 -4.93
N LEU A 151 19.75 -1.62 -4.30
CA LEU A 151 19.01 -2.86 -4.50
C LEU A 151 18.62 -2.98 -5.96
N HIS A 152 17.99 -1.92 -6.42
CA HIS A 152 17.55 -1.86 -7.78
C HIS A 152 18.65 -2.16 -8.77
N VAL A 153 19.73 -1.43 -8.66
CA VAL A 153 20.75 -1.68 -9.66
C VAL A 153 21.27 -3.09 -9.55
N ALA A 154 21.42 -3.60 -8.32
CA ALA A 154 21.90 -4.96 -8.12
C ALA A 154 20.92 -5.96 -8.75
N HIS A 155 19.64 -5.71 -8.53
CA HIS A 155 18.56 -6.48 -9.03
C HIS A 155 18.62 -6.61 -10.55
N SER A 156 18.61 -5.48 -11.22
CA SER A 156 18.67 -5.38 -12.68
C SER A 156 19.82 -6.18 -13.25
N PHE A 157 20.91 -6.07 -12.57
CA PHE A 157 22.09 -6.79 -12.95
C PHE A 157 21.85 -8.30 -12.79
N LEU A 158 21.30 -8.66 -11.64
CA LEU A 158 21.02 -10.07 -11.39
C LEU A 158 20.09 -10.69 -12.43
N LYS A 159 19.12 -9.91 -12.84
CA LYS A 159 18.21 -10.44 -13.81
C LYS A 159 18.94 -10.82 -15.06
N LYS A 160 19.91 -10.02 -15.43
CA LYS A 160 20.62 -10.30 -16.65
C LYS A 160 21.54 -11.49 -16.51
N LEU A 161 22.12 -11.59 -15.35
CA LEU A 161 23.05 -12.65 -15.08
C LEU A 161 22.41 -14.01 -14.96
N ALA A 162 21.30 -14.11 -14.26
CA ALA A 162 20.62 -15.39 -14.04
C ALA A 162 19.14 -15.25 -14.22
N PRO A 163 18.80 -14.81 -15.40
CA PRO A 163 17.44 -14.57 -15.81
C PRO A 163 16.54 -15.69 -15.33
N GLU A 164 17.07 -16.91 -15.44
CA GLU A 164 16.40 -18.14 -15.03
C GLU A 164 15.86 -18.03 -13.63
N ARG A 165 16.81 -17.67 -12.80
CA ARG A 165 16.59 -17.49 -11.40
C ARG A 165 15.79 -16.23 -11.05
N PHE A 166 16.16 -15.13 -11.66
CA PHE A 166 15.53 -13.90 -11.29
C PHE A 166 14.47 -13.30 -12.13
N ALA A 167 14.12 -13.95 -13.23
CA ALA A 167 13.14 -13.35 -14.09
C ALA A 167 11.80 -13.07 -13.47
N SER A 168 11.18 -14.09 -12.93
CA SER A 168 9.87 -13.83 -12.37
C SER A 168 9.77 -14.37 -10.97
N ALA A 169 10.92 -14.35 -10.34
CA ALA A 169 11.05 -14.81 -8.99
C ALA A 169 11.74 -13.73 -8.18
N PRO A 170 11.54 -13.75 -6.85
CA PRO A 170 12.16 -12.77 -5.96
C PRO A 170 13.62 -13.13 -5.58
N LEU A 171 14.33 -12.11 -5.04
CA LEU A 171 15.69 -12.22 -4.52
C LEU A 171 15.56 -12.67 -3.09
N ALA A 172 16.65 -13.13 -2.52
CA ALA A 172 16.62 -13.60 -1.17
C ALA A 172 16.21 -12.55 -0.17
N GLY A 173 15.53 -12.97 0.89
CA GLY A 173 15.20 -11.98 1.91
C GLY A 173 16.51 -11.66 2.67
N LEU A 174 16.55 -10.60 3.45
CA LEU A 174 17.81 -10.31 4.13
C LEU A 174 17.62 -9.57 5.42
N GLN A 175 18.63 -9.69 6.28
CA GLN A 175 18.76 -8.99 7.54
C GLN A 175 20.04 -8.19 7.41
N VAL A 176 19.90 -6.87 7.47
CA VAL A 176 21.00 -5.94 7.32
C VAL A 176 21.25 -5.00 8.47
N PHE A 177 22.53 -4.86 8.78
CA PHE A 177 22.96 -3.93 9.81
C PHE A 177 23.95 -3.02 9.16
N CYS A 178 23.69 -1.73 9.28
CA CYS A 178 24.49 -0.69 8.67
C CYS A 178 25.11 0.28 9.67
N GLU A 179 26.39 0.48 9.46
CA GLU A 179 27.16 1.39 10.25
C GLU A 179 28.14 2.12 9.33
N GLY A 180 27.96 3.44 9.17
CA GLY A 180 28.85 4.23 8.32
C GLY A 180 29.59 5.27 9.16
N ASP A 181 30.83 5.55 8.80
CA ASP A 181 31.62 6.57 9.49
C ASP A 181 31.89 7.74 8.55
N VAL A 182 31.33 7.69 7.35
CA VAL A 182 31.51 8.82 6.49
C VAL A 182 30.53 9.87 6.95
N PRO A 183 31.07 11.02 7.33
CA PRO A 183 30.24 12.14 7.76
C PRO A 183 29.22 12.49 6.67
N THR A 184 27.94 12.47 7.03
CA THR A 184 26.90 12.79 6.05
C THR A 184 26.81 14.28 5.66
N GLY A 185 26.48 14.55 4.37
CA GLY A 185 26.32 15.89 3.84
C GLY A 185 27.63 16.65 3.96
N SER A 186 28.69 15.87 3.84
CA SER A 186 30.01 16.40 4.00
C SER A 186 30.61 16.57 2.66
N GLY A 187 29.88 16.08 1.66
CA GLY A 187 30.45 16.18 0.34
C GLY A 187 31.56 15.12 0.15
N LEU A 188 31.64 14.12 1.02
CA LEU A 188 32.63 13.07 0.87
C LEU A 188 31.93 11.83 0.36
N SER A 189 30.69 12.00 -0.02
CA SER A 189 29.93 10.95 -0.59
C SER A 189 29.65 9.74 0.28
N SER A 190 29.01 9.99 1.41
CA SER A 190 28.59 8.91 2.25
C SER A 190 27.48 8.19 1.42
N SER A 191 26.82 9.00 0.58
CA SER A 191 25.82 8.48 -0.32
C SER A 191 26.33 7.32 -1.18
N ALA A 192 27.46 7.51 -1.82
CA ALA A 192 27.97 6.50 -2.70
C ALA A 192 28.60 5.32 -1.97
N ALA A 193 29.23 5.64 -0.83
CA ALA A 193 29.79 4.56 -0.02
C ALA A 193 28.68 3.55 0.34
N PHE A 194 27.48 4.10 0.66
CA PHE A 194 26.29 3.37 1.05
C PHE A 194 25.71 2.56 -0.10
N ILE A 195 25.50 3.21 -1.21
CA ILE A 195 24.93 2.56 -2.34
C ILE A 195 25.81 1.44 -2.83
N CYS A 196 27.12 1.73 -2.95
CA CYS A 196 28.04 0.72 -3.42
C CYS A 196 28.11 -0.50 -2.51
N ALA A 197 28.16 -0.25 -1.20
CA ALA A 197 28.23 -1.38 -0.28
C ALA A 197 27.00 -2.29 -0.44
N VAL A 198 25.87 -1.66 -0.64
CA VAL A 198 24.60 -2.34 -0.81
C VAL A 198 24.49 -3.18 -2.08
N ALA A 199 24.94 -2.57 -3.16
CA ALA A 199 24.88 -3.27 -4.41
C ALA A 199 25.75 -4.49 -4.34
N LEU A 200 26.89 -4.31 -3.77
CA LEU A 200 27.79 -5.41 -3.62
C LEU A 200 27.16 -6.50 -2.79
N ALA A 201 26.75 -6.11 -1.60
CA ALA A 201 26.15 -7.07 -0.72
C ALA A 201 25.01 -7.83 -1.37
N VAL A 202 24.13 -7.09 -2.03
CA VAL A 202 23.00 -7.73 -2.67
C VAL A 202 23.36 -8.78 -3.73
N VAL A 203 24.38 -8.52 -4.55
CA VAL A 203 24.78 -9.46 -5.58
C VAL A 203 25.36 -10.73 -4.97
N LYS A 204 26.21 -10.49 -3.98
CA LYS A 204 26.84 -11.58 -3.27
C LYS A 204 25.80 -12.48 -2.57
N ALA A 205 24.88 -11.84 -1.86
CA ALA A 205 23.87 -12.59 -1.19
C ALA A 205 23.14 -13.53 -2.17
N ASN A 206 22.89 -13.05 -3.39
CA ASN A 206 22.16 -13.86 -4.32
C ASN A 206 22.98 -14.79 -5.16
N MET A 207 24.20 -14.41 -5.46
CA MET A 207 25.03 -15.27 -6.28
C MET A 207 25.69 -16.35 -5.46
N GLY A 208 25.83 -16.06 -4.20
CA GLY A 208 26.49 -17.05 -3.40
C GLY A 208 27.98 -16.76 -3.40
N PRO A 209 28.62 -17.47 -2.48
CA PRO A 209 30.02 -17.47 -2.12
C PRO A 209 30.97 -17.79 -3.24
N GLY A 210 30.57 -18.68 -4.12
CA GLY A 210 31.46 -19.02 -5.19
C GLY A 210 31.47 -17.94 -6.24
N TYR A 211 30.63 -16.91 -6.06
CA TYR A 211 30.55 -15.83 -7.06
C TYR A 211 31.45 -14.66 -6.77
N HIS A 212 32.19 -14.19 -7.80
CA HIS A 212 33.08 -13.04 -7.62
C HIS A 212 32.81 -11.89 -8.57
N MET A 213 32.45 -10.76 -7.98
CA MET A 213 32.17 -9.54 -8.70
C MET A 213 33.42 -8.92 -9.27
N SER A 214 33.25 -8.31 -10.43
CA SER A 214 34.35 -7.63 -11.04
C SER A 214 34.19 -6.19 -10.64
N LYS A 215 35.28 -5.52 -10.32
CA LYS A 215 35.19 -4.10 -9.98
C LYS A 215 34.44 -3.35 -11.08
N GLN A 216 34.68 -3.74 -12.30
CA GLN A 216 34.06 -3.10 -13.45
C GLN A 216 32.54 -3.12 -13.48
N ASN A 217 31.99 -4.30 -13.21
CA ASN A 217 30.54 -4.43 -13.20
C ASN A 217 29.93 -3.63 -12.05
N LEU A 218 30.62 -3.71 -10.92
CA LEU A 218 30.20 -3.02 -9.74
C LEU A 218 30.07 -1.57 -10.10
N MET A 219 31.15 -1.07 -10.58
CA MET A 219 31.21 0.31 -10.95
C MET A 219 30.14 0.65 -11.94
N ARG A 220 30.22 -0.09 -13.02
CA ARG A 220 29.33 0.20 -14.07
C ARG A 220 27.86 0.22 -13.70
N ILE A 221 27.47 -0.60 -12.75
CA ILE A 221 26.07 -0.60 -12.42
C ILE A 221 25.71 0.45 -11.37
N THR A 222 26.67 0.80 -10.56
CA THR A 222 26.32 1.74 -9.50
C THR A 222 26.37 3.17 -9.96
N VAL A 223 27.14 3.43 -11.01
CA VAL A 223 27.25 4.82 -11.42
C VAL A 223 25.99 5.63 -11.68
N VAL A 224 24.83 4.98 -11.80
CA VAL A 224 23.62 5.76 -12.09
C VAL A 224 22.53 5.62 -11.03
N ALA A 225 22.85 4.80 -10.02
CA ALA A 225 21.91 4.49 -8.96
C ALA A 225 21.13 5.67 -8.39
N GLU A 226 21.81 6.81 -8.21
CA GLU A 226 21.24 8.01 -7.61
C GLU A 226 20.22 8.71 -8.48
N HIS A 227 20.31 8.39 -9.75
CA HIS A 227 19.35 8.98 -10.64
C HIS A 227 18.00 8.52 -10.15
N TYR A 228 17.90 7.30 -9.62
CA TYR A 228 16.61 6.80 -9.11
C TYR A 228 16.00 7.65 -8.03
N VAL A 229 16.87 8.34 -7.35
CA VAL A 229 16.40 9.13 -6.26
C VAL A 229 16.24 10.59 -6.64
N GLY A 230 16.38 10.84 -7.94
CA GLY A 230 16.21 12.16 -8.52
C GLY A 230 17.45 13.03 -8.67
N VAL A 231 18.63 12.49 -8.50
CA VAL A 231 19.79 13.32 -8.63
C VAL A 231 20.56 12.89 -9.84
N ASN A 232 20.65 13.81 -10.79
CA ASN A 232 21.32 13.56 -12.06
C ASN A 232 22.81 13.78 -12.05
N ASN A 233 23.53 13.01 -11.26
CA ASN A 233 24.97 13.18 -11.19
C ASN A 233 25.75 12.27 -12.11
N GLY A 234 27.08 12.46 -12.15
CA GLY A 234 27.97 11.61 -12.95
C GLY A 234 28.35 10.40 -12.08
N GLY A 235 29.20 9.52 -12.52
CA GLY A 235 29.48 8.39 -11.60
C GLY A 235 30.76 8.52 -10.76
N MET A 236 31.35 9.69 -10.76
CA MET A 236 32.59 9.92 -10.05
C MET A 236 32.65 9.22 -8.72
N ASP A 237 31.61 9.50 -7.89
CA ASP A 237 31.51 8.95 -6.54
C ASP A 237 31.63 7.46 -6.50
N GLN A 238 30.82 6.81 -7.31
CA GLN A 238 30.81 5.35 -7.38
C GLN A 238 32.13 4.80 -7.90
N ALA A 239 32.65 5.40 -8.95
CA ALA A 239 33.90 4.97 -9.56
C ALA A 239 34.96 4.99 -8.49
N ALA A 240 35.04 6.07 -7.69
CA ALA A 240 36.10 6.07 -6.69
C ALA A 240 35.94 5.04 -5.59
N SER A 241 34.72 4.96 -5.04
CA SER A 241 34.40 4.01 -3.97
C SER A 241 34.76 2.58 -4.36
N VAL A 242 34.46 2.26 -5.64
CA VAL A 242 34.74 0.95 -6.19
C VAL A 242 36.21 0.71 -6.52
N CYS A 243 36.83 1.67 -7.19
CA CYS A 243 38.20 1.46 -7.62
C CYS A 243 39.35 1.86 -6.77
N GLY A 244 39.05 2.45 -5.63
CA GLY A 244 40.13 2.87 -4.77
C GLY A 244 41.10 1.72 -4.51
N GLU A 245 42.35 2.15 -4.37
CA GLU A 245 43.44 1.28 -4.06
C GLU A 245 44.31 2.01 -3.09
N GLU A 246 44.64 1.32 -2.04
CA GLU A 246 45.49 1.85 -1.02
C GLU A 246 46.72 2.47 -1.61
N ASP A 247 46.94 3.73 -1.20
CA ASP A 247 48.11 4.48 -1.62
C ASP A 247 48.07 4.87 -3.08
N HIS A 248 46.87 4.83 -3.66
CA HIS A 248 46.75 5.17 -5.03
C HIS A 248 45.68 6.19 -5.28
N ALA A 249 45.91 7.04 -6.28
CA ALA A 249 44.94 8.05 -6.69
C ALA A 249 44.36 7.46 -7.95
N LEU A 250 43.23 7.97 -8.42
CA LEU A 250 42.66 7.41 -9.63
C LEU A 250 42.40 8.49 -10.63
N TYR A 251 42.48 8.09 -11.88
CA TYR A 251 42.17 8.92 -12.99
C TYR A 251 40.97 8.21 -13.58
N VAL A 252 39.80 8.78 -13.34
CA VAL A 252 38.57 8.19 -13.80
C VAL A 252 38.14 8.84 -15.08
N GLU A 253 37.72 8.01 -16.04
CA GLU A 253 37.26 8.43 -17.34
C GLU A 253 35.88 7.86 -17.59
N PHE A 254 35.07 8.60 -18.33
CA PHE A 254 33.73 8.15 -18.58
C PHE A 254 33.53 7.83 -20.05
N LYS A 255 34.31 8.45 -20.87
CA LYS A 255 34.21 8.19 -22.29
C LYS A 255 35.62 8.22 -22.82
N PRO A 256 35.88 7.49 -23.90
CA PRO A 256 34.91 6.70 -24.68
C PRO A 256 34.37 5.48 -23.97
N GLN A 257 35.10 5.16 -22.89
CA GLN A 257 34.78 4.04 -22.03
C GLN A 257 34.99 4.40 -20.56
N LEU A 258 34.09 3.87 -19.76
CA LEU A 258 34.12 4.04 -18.32
C LEU A 258 35.37 3.35 -17.76
N LYS A 259 36.24 4.11 -17.11
CA LYS A 259 37.46 3.48 -16.65
C LYS A 259 38.14 4.27 -15.52
N ALA A 260 38.77 3.55 -14.60
CA ALA A 260 39.50 4.12 -13.48
C ALA A 260 40.95 3.65 -13.49
N THR A 261 41.89 4.55 -13.42
CA THR A 261 43.24 4.08 -13.46
C THR A 261 44.01 4.61 -12.26
N PRO A 262 44.46 3.72 -11.42
CA PRO A 262 45.17 4.14 -10.24
C PRO A 262 46.62 4.52 -10.55
N PHE A 263 47.16 5.36 -9.72
CA PHE A 263 48.51 5.74 -9.89
C PHE A 263 49.03 6.19 -8.55
N LYS A 264 50.34 6.24 -8.43
CA LYS A 264 50.93 6.66 -7.21
C LYS A 264 51.38 8.10 -7.43
N PHE A 265 51.46 8.89 -6.35
CA PHE A 265 51.94 10.23 -6.52
C PHE A 265 53.39 10.19 -6.88
N PRO A 266 53.89 11.32 -7.32
CA PRO A 266 55.28 11.36 -7.66
C PRO A 266 56.05 11.29 -6.35
N GLN A 267 57.34 10.90 -6.45
CA GLN A 267 58.21 10.81 -5.28
C GLN A 267 59.02 12.07 -5.20
N LEU A 268 58.91 12.74 -4.07
CA LEU A 268 59.66 13.97 -3.95
C LEU A 268 60.91 13.58 -3.23
N LYS A 269 61.85 14.47 -3.05
CA LYS A 269 63.04 14.06 -2.37
C LYS A 269 63.03 14.27 -0.89
N ASN A 270 62.58 15.46 -0.51
CA ASN A 270 62.56 15.93 0.88
C ASN A 270 61.18 16.10 1.42
N HIS A 271 60.21 15.73 0.64
CA HIS A 271 58.90 15.94 1.18
C HIS A 271 57.92 14.86 0.81
N GLU A 272 56.79 14.97 1.51
CA GLU A 272 55.62 14.13 1.32
C GLU A 272 54.46 14.94 0.76
N ILE A 273 53.83 14.39 -0.27
CA ILE A 273 52.66 15.00 -0.85
C ILE A 273 51.49 14.62 0.05
N SER A 274 50.89 15.60 0.72
CA SER A 274 49.78 15.27 1.58
C SER A 274 48.55 16.10 1.27
N PHE A 275 47.40 15.51 1.49
CA PHE A 275 46.12 16.16 1.23
C PHE A 275 45.33 16.19 2.50
N VAL A 276 44.99 17.39 2.88
CA VAL A 276 44.29 17.55 4.10
C VAL A 276 42.87 17.94 3.87
N ILE A 277 41.97 17.26 4.56
CA ILE A 277 40.60 17.60 4.41
C ILE A 277 40.15 18.31 5.65
N ALA A 278 39.42 19.37 5.42
CA ALA A 278 38.86 20.21 6.47
C ALA A 278 37.41 20.44 6.21
N ASN A 279 36.65 19.86 7.07
CA ASN A 279 35.24 20.00 6.95
C ASN A 279 34.78 21.37 7.41
N THR A 280 33.90 22.01 6.64
CA THR A 280 33.38 23.31 7.04
C THR A 280 32.35 23.12 8.11
N LEU A 281 31.78 21.92 8.16
CA LEU A 281 30.73 21.69 9.13
C LEU A 281 29.41 22.33 8.68
N VAL A 282 29.35 22.73 7.41
CA VAL A 282 28.12 23.26 6.82
C VAL A 282 27.56 22.10 6.05
N VAL A 283 26.45 21.56 6.53
CA VAL A 283 25.76 20.41 5.96
C VAL A 283 25.21 20.69 4.57
N SER A 284 25.65 19.87 3.63
CA SER A 284 25.25 20.02 2.25
C SER A 284 24.76 18.67 1.68
N ASN A 285 23.44 18.62 1.57
CA ASN A 285 22.77 17.42 1.08
C ASN A 285 22.28 17.73 -0.32
N LYS A 286 22.87 17.06 -1.34
CA LYS A 286 22.61 17.32 -2.77
C LYS A 286 21.19 17.21 -3.28
N PHE A 287 20.45 16.33 -2.61
CA PHE A 287 19.07 16.07 -2.93
C PHE A 287 18.19 17.23 -2.53
N GLU A 288 18.35 17.64 -1.29
CA GLU A 288 17.53 18.71 -0.76
C GLU A 288 17.47 20.00 -1.54
N THR A 289 18.60 20.45 -2.08
CA THR A 289 18.66 21.69 -2.83
C THR A 289 18.83 21.47 -4.33
N ALA A 290 18.63 20.23 -4.79
CA ALA A 290 18.84 19.87 -6.18
C ALA A 290 18.28 20.81 -7.25
N PRO A 291 17.05 21.27 -7.09
CA PRO A 291 16.34 22.11 -8.07
C PRO A 291 16.94 23.48 -8.32
N THR A 292 17.52 24.01 -7.29
CA THR A 292 18.14 25.29 -7.42
C THR A 292 19.62 25.11 -7.41
N ASN A 293 20.11 23.95 -6.96
CA ASN A 293 21.57 23.80 -6.94
C ASN A 293 22.07 22.76 -7.94
N TYR A 294 22.25 21.56 -7.39
CA TYR A 294 22.79 20.48 -8.19
C TYR A 294 22.20 20.37 -9.56
N ASN A 295 20.92 20.00 -9.55
CA ASN A 295 20.15 19.80 -10.75
C ASN A 295 20.01 21.05 -11.60
N LEU A 296 20.06 22.21 -11.00
CA LEU A 296 20.00 23.38 -11.85
C LEU A 296 21.27 23.46 -12.76
N ARG A 297 22.42 23.12 -12.20
CA ARG A 297 23.71 23.14 -12.92
C ARG A 297 23.70 22.19 -14.10
N VAL A 298 23.17 21.01 -13.80
CA VAL A 298 23.05 20.00 -14.86
C VAL A 298 22.26 20.54 -16.03
N VAL A 299 21.25 21.30 -15.71
CA VAL A 299 20.44 21.90 -16.75
C VAL A 299 21.17 23.01 -17.48
N GLU A 300 21.78 23.91 -16.74
CA GLU A 300 22.46 24.95 -17.45
C GLU A 300 23.49 24.40 -18.42
N VAL A 301 24.29 23.43 -17.95
CA VAL A 301 25.34 22.90 -18.85
C VAL A 301 24.80 22.21 -20.09
N THR A 302 23.67 21.51 -19.93
CA THR A 302 23.06 20.80 -21.04
C THR A 302 22.55 21.83 -22.00
N THR A 303 21.91 22.81 -21.42
CA THR A 303 21.35 23.86 -22.22
C THR A 303 22.44 24.52 -23.02
N ALA A 304 23.50 24.89 -22.32
CA ALA A 304 24.61 25.53 -22.99
C ALA A 304 25.12 24.69 -24.14
N ALA A 305 25.30 23.41 -23.87
CA ALA A 305 25.79 22.52 -24.90
C ALA A 305 24.95 22.62 -26.15
N ASN A 306 23.63 22.77 -25.95
CA ASN A 306 22.71 22.83 -27.08
C ASN A 306 22.69 24.16 -27.83
N VAL A 307 22.95 25.23 -27.10
CA VAL A 307 22.96 26.54 -27.67
C VAL A 307 24.19 26.67 -28.56
N LEU A 308 25.32 26.20 -28.08
CA LEU A 308 26.54 26.23 -28.82
C LEU A 308 26.37 25.49 -30.13
N ALA A 309 25.70 24.35 -30.05
CA ALA A 309 25.45 23.53 -31.22
C ALA A 309 24.78 24.31 -32.29
N ALA A 310 23.65 24.85 -31.88
CA ALA A 310 22.84 25.69 -32.69
C ALA A 310 23.68 26.89 -33.16
N THR A 311 24.30 27.57 -32.21
CA THR A 311 25.13 28.67 -32.63
C THR A 311 26.14 28.21 -33.70
N TYR A 312 26.65 26.96 -33.64
CA TYR A 312 27.61 26.54 -34.63
C TYR A 312 27.07 25.69 -35.73
N GLY A 313 25.76 25.64 -35.81
CA GLY A 313 25.07 24.90 -36.83
C GLY A 313 25.26 23.39 -36.83
N VAL A 314 25.32 22.82 -35.63
CA VAL A 314 25.47 21.37 -35.50
C VAL A 314 24.36 20.69 -34.72
N VAL A 315 24.29 19.38 -34.87
CA VAL A 315 23.29 18.56 -34.22
C VAL A 315 24.01 17.69 -33.22
N LEU A 316 23.60 17.78 -31.98
CA LEU A 316 24.29 17.03 -30.95
C LEU A 316 24.21 15.52 -31.01
N LEU A 317 23.01 14.98 -31.24
CA LEU A 317 22.93 13.54 -31.27
C LEU A 317 22.31 13.04 -32.55
N ASN A 326 17.12 12.57 -23.47
CA ASN A 326 18.56 12.55 -23.72
C ASN A 326 19.04 13.65 -24.67
N LYS A 327 19.77 14.62 -24.13
CA LYS A 327 20.32 15.68 -24.94
C LYS A 327 21.84 15.56 -24.93
N GLY A 328 22.54 16.22 -25.83
CA GLY A 328 23.99 16.07 -25.82
C GLY A 328 24.70 16.92 -24.76
N ASN A 329 25.97 16.61 -24.52
CA ASN A 329 26.67 17.38 -23.51
C ASN A 329 27.77 18.20 -24.07
N LEU A 330 28.47 18.88 -23.18
CA LEU A 330 29.53 19.72 -23.64
C LEU A 330 30.65 18.95 -24.31
N ARG A 331 30.80 17.68 -23.99
CA ARG A 331 31.87 16.91 -24.61
C ARG A 331 31.43 16.55 -26.00
N ASP A 332 30.11 16.34 -26.10
CA ASP A 332 29.47 16.05 -27.39
C ASP A 332 29.75 17.19 -28.39
N PHE A 333 29.46 18.44 -27.96
CA PHE A 333 29.72 19.58 -28.78
C PHE A 333 31.19 19.60 -29.18
N MET A 334 32.07 19.28 -28.23
CA MET A 334 33.46 19.30 -28.63
C MET A 334 33.79 18.36 -29.79
N ASN A 335 33.22 17.14 -29.75
CA ASN A 335 33.51 16.17 -30.79
C ASN A 335 32.91 16.52 -32.15
N VAL A 336 31.68 16.97 -32.06
CA VAL A 336 30.94 17.32 -33.23
C VAL A 336 31.58 18.47 -33.98
N TYR A 337 31.84 19.52 -33.25
CA TYR A 337 32.40 20.65 -33.88
C TYR A 337 33.60 20.17 -34.66
N TYR A 338 34.48 19.49 -33.96
CA TYR A 338 35.67 19.02 -34.58
C TYR A 338 35.40 18.10 -35.73
N ALA A 339 34.39 17.33 -35.56
CA ALA A 339 34.09 16.43 -36.63
C ALA A 339 33.63 17.20 -37.82
N ARG A 340 32.72 18.13 -37.59
CA ARG A 340 32.15 18.88 -38.70
C ARG A 340 33.06 19.91 -39.31
N TYR A 341 33.83 20.60 -38.49
CA TYR A 341 34.69 21.63 -39.02
C TYR A 341 36.16 21.27 -39.09
N HIS A 342 36.59 20.26 -38.39
CA HIS A 342 38.00 19.96 -38.48
C HIS A 342 38.23 18.66 -39.15
N ASN A 343 37.13 18.04 -39.54
CA ASN A 343 37.19 16.78 -40.24
C ASN A 343 37.70 15.60 -39.46
N ILE A 344 37.67 15.72 -38.15
CA ILE A 344 38.11 14.63 -37.33
C ILE A 344 36.95 13.69 -37.04
N SER A 345 36.99 12.58 -37.75
CA SER A 345 36.04 11.47 -37.76
C SER A 345 35.87 10.83 -36.40
N THR A 346 37.04 10.49 -35.83
CA THR A 346 37.18 9.84 -34.55
C THR A 346 36.99 10.75 -33.34
N PRO A 347 36.10 10.32 -32.43
CA PRO A 347 35.84 11.07 -31.20
C PRO A 347 37.01 11.04 -30.23
N TRP A 348 37.19 12.17 -29.54
CA TRP A 348 38.25 12.33 -28.56
C TRP A 348 38.40 11.15 -27.62
N ASN A 349 39.64 10.70 -27.53
CA ASN A 349 40.02 9.55 -26.79
C ASN A 349 40.64 9.81 -25.42
N GLY A 350 40.88 11.05 -25.08
CA GLY A 350 41.50 11.31 -23.81
C GLY A 350 42.95 11.65 -24.06
N ASP A 351 43.42 11.43 -25.29
CA ASP A 351 44.78 11.82 -25.47
C ASP A 351 44.92 13.17 -24.82
N ILE A 352 45.87 13.28 -23.90
CA ILE A 352 46.11 14.52 -23.21
C ILE A 352 46.41 15.70 -24.08
N GLU A 353 47.44 15.56 -24.88
CA GLU A 353 47.83 16.68 -25.68
C GLU A 353 46.79 17.20 -26.64
N SER A 354 46.04 16.28 -27.22
CA SER A 354 45.02 16.74 -28.15
C SER A 354 43.89 17.40 -27.39
N GLY A 355 43.66 16.87 -26.18
CA GLY A 355 42.61 17.38 -25.33
C GLY A 355 42.88 18.82 -24.95
N ILE A 356 44.09 19.06 -24.53
CA ILE A 356 44.41 20.41 -24.15
C ILE A 356 44.11 21.36 -25.27
N GLU A 357 44.41 20.89 -26.43
CA GLU A 357 44.22 21.69 -27.59
C GLU A 357 42.77 21.99 -27.85
N ARG A 358 41.94 20.95 -27.89
CA ARG A 358 40.54 21.14 -28.18
C ARG A 358 39.79 21.98 -27.16
N LEU A 359 40.08 21.73 -25.89
CA LEU A 359 39.43 22.46 -24.82
C LEU A 359 39.71 23.95 -24.89
N THR A 360 40.94 24.23 -25.21
CA THR A 360 41.38 25.60 -25.30
C THR A 360 40.53 26.29 -26.34
N LYS A 361 40.41 25.61 -27.45
CA LYS A 361 39.58 26.03 -28.57
C LYS A 361 38.15 26.27 -28.07
N MET A 362 37.63 25.22 -27.43
CA MET A 362 36.29 25.29 -26.89
C MET A 362 36.13 26.55 -26.06
N LEU A 363 37.17 26.90 -25.29
CA LEU A 363 37.10 28.08 -24.47
C LEU A 363 36.92 29.32 -25.31
N VAL A 364 37.54 29.27 -26.47
CA VAL A 364 37.45 30.38 -27.39
C VAL A 364 36.04 30.52 -27.93
N LEU A 365 35.47 29.40 -28.33
CA LEU A 365 34.12 29.52 -28.83
C LEU A 365 33.17 30.04 -27.77
N VAL A 366 33.34 29.61 -26.51
CA VAL A 366 32.44 30.07 -25.44
C VAL A 366 32.50 31.57 -25.34
N GLU A 367 33.74 32.04 -25.33
CA GLU A 367 33.97 33.45 -25.27
C GLU A 367 33.27 34.15 -26.44
N GLU A 368 33.45 33.60 -27.62
CA GLU A 368 32.89 34.11 -28.87
C GLU A 368 31.38 34.10 -29.00
N SER A 369 30.73 33.16 -28.37
CA SER A 369 29.32 33.08 -28.57
C SER A 369 28.48 33.19 -27.32
N LEU A 370 29.04 33.05 -26.14
CA LEU A 370 28.15 33.10 -24.99
C LEU A 370 28.31 34.29 -24.16
N ALA A 371 29.49 34.85 -24.25
CA ALA A 371 29.86 36.01 -23.48
C ALA A 371 28.95 37.27 -23.60
N ASN A 372 28.14 37.41 -24.66
CA ASN A 372 27.26 38.58 -24.80
C ASN A 372 26.15 38.56 -23.76
N LYS A 373 25.87 37.37 -23.21
CA LYS A 373 24.85 37.23 -22.20
C LYS A 373 25.39 36.94 -20.82
N LYS A 374 26.43 37.67 -20.47
CA LYS A 374 27.03 37.43 -19.18
C LYS A 374 25.99 37.48 -18.08
N GLN A 375 24.91 38.17 -18.36
CA GLN A 375 23.92 38.29 -17.32
C GLN A 375 23.00 37.10 -17.16
N GLY A 376 22.95 36.25 -18.15
CA GLY A 376 22.08 35.14 -17.99
C GLY A 376 21.12 35.11 -19.14
N PHE A 377 20.69 33.91 -19.47
CA PHE A 377 19.75 33.72 -20.50
C PHE A 377 18.43 33.40 -19.87
N SER A 378 17.42 34.03 -20.43
CA SER A 378 16.09 33.82 -20.00
C SER A 378 15.61 32.66 -20.84
N VAL A 379 14.47 32.15 -20.46
CA VAL A 379 13.89 31.08 -21.24
C VAL A 379 13.58 31.61 -22.63
N ASP A 380 13.44 32.92 -22.69
CA ASP A 380 13.14 33.49 -23.97
C ASP A 380 14.37 33.47 -24.82
N ASP A 381 15.47 33.95 -24.24
CA ASP A 381 16.74 33.99 -24.92
C ASP A 381 17.10 32.62 -25.36
N VAL A 382 16.88 31.66 -24.52
CA VAL A 382 17.23 30.32 -24.94
C VAL A 382 16.37 29.80 -26.08
N ALA A 383 15.05 29.88 -25.90
CA ALA A 383 14.17 29.36 -26.91
C ALA A 383 14.47 30.00 -28.25
N GLN A 384 14.72 31.29 -28.22
CA GLN A 384 15.03 31.92 -29.49
C GLN A 384 16.33 31.32 -30.06
N SER A 385 17.30 31.12 -29.18
CA SER A 385 18.58 30.56 -29.54
C SER A 385 18.45 29.19 -30.16
N LEU A 386 17.48 28.41 -29.72
CA LEU A 386 17.33 27.09 -30.27
C LEU A 386 16.27 26.95 -31.34
N ASN A 387 15.55 28.01 -31.71
CA ASN A 387 14.45 27.93 -32.67
C ASN A 387 13.40 27.05 -32.04
N CYS A 388 12.88 27.62 -31.00
CA CYS A 388 11.96 26.94 -30.18
C CYS A 388 10.85 27.82 -29.75
N SER A 389 9.90 27.15 -29.12
CA SER A 389 8.78 27.76 -28.46
C SER A 389 9.14 27.52 -26.99
N ARG A 390 8.70 28.41 -26.13
CA ARG A 390 9.00 28.19 -24.74
C ARG A 390 8.58 26.80 -24.31
N GLU A 391 7.48 26.31 -24.87
CA GLU A 391 6.97 25.00 -24.51
C GLU A 391 7.90 23.90 -24.91
N GLU A 392 8.51 24.05 -26.06
CA GLU A 392 9.44 23.02 -26.48
C GLU A 392 10.61 23.00 -25.50
N PHE A 393 11.22 24.18 -25.30
CA PHE A 393 12.34 24.23 -24.41
C PHE A 393 12.00 23.52 -23.12
N THR A 394 10.84 23.90 -22.65
CA THR A 394 10.35 23.34 -21.43
C THR A 394 10.12 21.85 -21.46
N ARG A 395 9.33 21.34 -22.39
CA ARG A 395 9.17 19.90 -22.33
C ARG A 395 10.50 19.21 -22.34
N ASP A 396 11.24 19.57 -23.38
CA ASP A 396 12.52 19.00 -23.65
C ASP A 396 13.57 19.19 -22.59
N TYR A 397 13.58 20.32 -21.90
CA TYR A 397 14.64 20.52 -20.93
C TYR A 397 14.29 20.63 -19.44
N LEU A 398 13.18 21.28 -19.11
CA LEU A 398 12.79 21.56 -17.73
C LEU A 398 11.86 20.60 -17.03
N THR A 399 11.62 19.46 -17.63
CA THR A 399 10.65 18.63 -16.97
C THR A 399 11.12 17.30 -16.45
N THR A 400 12.18 16.74 -17.04
CA THR A 400 12.71 15.46 -16.59
C THR A 400 13.07 15.49 -15.11
N SER A 401 13.43 16.69 -14.68
CA SER A 401 13.78 17.01 -13.32
C SER A 401 13.52 18.49 -13.18
N PRO A 402 12.64 18.79 -12.23
CA PRO A 402 12.16 20.11 -11.90
C PRO A 402 13.25 21.02 -11.31
N VAL A 403 13.39 22.20 -11.89
CA VAL A 403 14.44 23.06 -11.41
C VAL A 403 13.89 24.46 -11.16
N ARG A 404 14.51 25.25 -10.30
CA ARG A 404 13.88 26.56 -10.13
C ARG A 404 14.83 27.69 -10.47
N PHE A 405 14.36 28.63 -11.27
CA PHE A 405 15.26 29.72 -11.63
C PHE A 405 14.58 30.85 -12.37
N GLN A 406 15.34 31.92 -12.44
CA GLN A 406 14.88 33.08 -13.15
C GLN A 406 15.65 33.18 -14.47
N VAL A 407 16.96 32.95 -14.39
CA VAL A 407 17.84 32.97 -15.54
C VAL A 407 18.78 31.76 -15.55
N LEU A 408 19.33 31.46 -16.72
CA LEU A 408 20.29 30.36 -16.90
C LEU A 408 21.66 30.94 -17.26
N LYS A 409 22.68 30.64 -16.45
CA LYS A 409 24.01 31.20 -16.70
C LYS A 409 24.89 30.34 -17.59
N LEU A 410 24.43 30.17 -18.83
CA LEU A 410 25.12 29.34 -19.81
C LEU A 410 26.59 29.70 -20.03
N TYR A 411 26.95 30.97 -19.98
CA TYR A 411 28.30 31.38 -20.23
C TYR A 411 29.29 30.86 -19.20
N GLN A 412 28.97 31.16 -17.95
CA GLN A 412 29.81 30.80 -16.83
C GLN A 412 29.89 29.31 -16.59
N ARG A 413 28.77 28.63 -16.74
CA ARG A 413 28.75 27.21 -16.48
C ARG A 413 29.64 26.48 -17.49
N ALA A 414 29.48 26.83 -18.80
CA ALA A 414 30.29 26.17 -19.83
C ALA A 414 31.77 26.49 -19.68
N LYS A 415 31.98 27.76 -19.36
CA LYS A 415 33.30 28.28 -19.17
C LYS A 415 33.99 27.46 -18.07
N HIS A 416 33.24 27.22 -17.02
CA HIS A 416 33.81 26.45 -15.94
C HIS A 416 34.12 25.03 -16.40
N VAL A 417 33.11 24.45 -17.04
CA VAL A 417 33.30 23.09 -17.44
C VAL A 417 34.52 22.85 -18.26
N TYR A 418 34.66 23.66 -19.31
CA TYR A 418 35.79 23.52 -20.21
C TYR A 418 37.13 23.71 -19.54
N SER A 419 37.18 24.77 -18.76
CA SER A 419 38.38 25.12 -18.06
C SER A 419 38.67 24.14 -16.95
N GLU A 420 37.62 23.72 -16.26
CA GLU A 420 37.95 22.76 -15.21
C GLU A 420 38.51 21.47 -15.83
N SER A 421 37.94 21.04 -16.96
CA SER A 421 38.40 19.85 -17.68
C SER A 421 39.85 19.97 -18.05
N LEU A 422 40.17 21.13 -18.58
CA LEU A 422 41.53 21.43 -18.98
C LEU A 422 42.44 21.25 -17.77
N ARG A 423 42.02 21.80 -16.64
CA ARG A 423 42.84 21.70 -15.43
C ARG A 423 43.20 20.28 -15.04
N VAL A 424 42.29 19.36 -15.31
CA VAL A 424 42.51 17.97 -14.98
C VAL A 424 43.64 17.37 -15.80
N LEU A 425 43.56 17.61 -17.10
CA LEU A 425 44.56 17.11 -18.01
C LEU A 425 45.95 17.53 -17.55
N LYS A 426 46.06 18.78 -17.09
CA LYS A 426 47.32 19.29 -16.63
C LYS A 426 47.77 18.63 -15.35
N ALA A 427 46.82 18.44 -14.44
CA ALA A 427 47.12 17.82 -13.16
C ALA A 427 47.68 16.41 -13.39
N VAL A 428 47.03 15.69 -14.25
CA VAL A 428 47.46 14.36 -14.60
C VAL A 428 48.89 14.38 -15.13
N LYS A 429 49.19 15.33 -16.00
CA LYS A 429 50.52 15.45 -16.53
C LYS A 429 51.47 15.62 -15.34
N LEU A 430 51.22 16.61 -14.49
CA LEU A 430 52.06 16.80 -13.30
C LEU A 430 52.28 15.51 -12.51
N MET A 431 51.18 14.88 -12.10
CA MET A 431 51.18 13.65 -11.30
C MET A 431 51.89 12.51 -11.97
N THR A 432 52.19 12.72 -13.21
CA THR A 432 52.78 11.71 -14.02
C THR A 432 54.17 12.03 -14.56
N THR A 433 54.43 13.30 -14.85
CA THR A 433 55.71 13.73 -15.38
C THR A 433 56.22 14.94 -14.59
N PHE A 436 60.20 17.44 -12.41
CA PHE A 436 60.29 18.23 -11.17
C PHE A 436 61.69 18.23 -10.61
N THR A 437 62.32 19.38 -10.66
CA THR A 437 63.64 19.42 -10.10
C THR A 437 63.53 19.56 -8.61
N ALA A 438 62.93 20.68 -8.24
CA ALA A 438 62.71 20.98 -6.86
C ALA A 438 61.31 20.53 -6.46
N ASP A 439 61.21 20.02 -5.25
CA ASP A 439 59.92 19.59 -4.73
C ASP A 439 58.91 20.71 -4.85
N GLU A 440 59.36 21.90 -4.52
CA GLU A 440 58.53 23.07 -4.59
C GLU A 440 57.96 23.29 -5.98
N ASP A 441 58.63 22.72 -6.96
CA ASP A 441 58.12 22.87 -8.29
C ASP A 441 56.76 22.20 -8.39
N PHE A 442 56.58 21.06 -7.74
CA PHE A 442 55.31 20.35 -7.80
C PHE A 442 54.22 21.01 -6.95
N PHE A 443 54.63 21.42 -5.75
CA PHE A 443 53.72 22.05 -4.80
C PHE A 443 52.98 23.24 -5.42
N LYS A 444 53.78 24.10 -5.94
CA LYS A 444 53.26 25.27 -6.57
C LYS A 444 52.38 24.97 -7.78
N GLN A 445 52.93 24.24 -8.73
CA GLN A 445 52.22 23.91 -9.96
C GLN A 445 50.90 23.22 -9.68
N PHE A 446 50.93 22.24 -8.81
CA PHE A 446 49.70 21.59 -8.57
C PHE A 446 48.76 22.47 -7.77
N GLY A 447 49.36 23.15 -6.80
CA GLY A 447 48.58 24.03 -5.92
C GLY A 447 47.85 25.07 -6.72
N ALA A 448 48.55 25.53 -7.73
CA ALA A 448 47.95 26.58 -8.53
C ALA A 448 46.68 26.14 -9.22
N LEU A 449 46.76 24.93 -9.72
CA LEU A 449 45.65 24.38 -10.40
C LEU A 449 44.46 24.28 -9.48
N MET A 450 44.77 23.88 -8.26
CA MET A 450 43.72 23.75 -7.27
C MET A 450 43.03 25.09 -7.00
N ASN A 451 43.88 26.10 -6.86
CA ASN A 451 43.44 27.43 -6.59
C ASN A 451 42.63 27.94 -7.74
N GLU A 452 43.04 27.59 -8.94
CA GLU A 452 42.26 28.03 -10.07
C GLU A 452 40.89 27.38 -10.10
N SER A 453 40.90 26.11 -9.75
CA SER A 453 39.68 25.38 -9.70
C SER A 453 38.72 26.02 -8.66
N GLN A 454 39.26 26.42 -7.50
CA GLN A 454 38.38 26.98 -6.48
C GLN A 454 37.70 28.27 -6.94
N ALA A 455 38.52 29.07 -7.54
CA ALA A 455 38.08 30.34 -8.07
C ALA A 455 36.97 30.14 -9.09
N SER A 456 37.18 29.15 -9.93
CA SER A 456 36.22 28.89 -10.96
C SER A 456 34.91 28.46 -10.33
N CYS A 457 35.05 27.54 -9.39
CA CYS A 457 33.88 27.00 -8.73
C CYS A 457 33.08 28.07 -8.06
N ASP A 458 33.80 28.98 -7.46
CA ASP A 458 33.17 30.04 -6.75
C ASP A 458 32.61 31.08 -7.69
N LYS A 459 33.51 31.69 -8.50
CA LYS A 459 33.08 32.73 -9.42
C LYS A 459 32.26 32.29 -10.61
N LEU A 460 32.62 31.17 -11.25
CA LEU A 460 31.79 30.78 -12.40
C LEU A 460 30.65 29.84 -12.08
N TYR A 461 30.91 28.85 -11.24
CA TYR A 461 29.90 27.86 -10.96
C TYR A 461 29.05 28.17 -9.74
N GLU A 462 29.50 29.11 -8.94
CA GLU A 462 28.77 29.53 -7.75
C GLU A 462 28.30 28.40 -6.86
N CYS A 463 29.23 27.55 -6.46
CA CYS A 463 28.89 26.46 -5.60
C CYS A 463 29.80 26.50 -4.37
N SER A 464 30.47 27.63 -4.21
CA SER A 464 31.34 27.81 -3.07
C SER A 464 30.50 28.37 -1.92
N CYS A 465 31.15 28.82 -0.84
CA CYS A 465 30.47 29.41 0.34
C CYS A 465 31.51 30.06 1.25
N PRO A 466 31.02 31.01 2.06
CA PRO A 466 31.85 31.80 2.96
C PRO A 466 32.71 30.96 3.83
N GLU A 467 32.14 29.90 4.33
CA GLU A 467 32.91 29.05 5.18
C GLU A 467 34.08 28.41 4.44
N ILE A 468 33.83 27.96 3.18
CA ILE A 468 34.85 27.37 2.32
C ILE A 468 35.93 28.40 2.03
N ASP A 469 35.41 29.56 1.65
CA ASP A 469 36.18 30.72 1.33
C ASP A 469 37.08 31.03 2.48
N LYS A 470 36.50 31.11 3.69
CA LYS A 470 37.33 31.37 4.82
C LYS A 470 38.37 30.28 5.06
N ILE A 471 38.01 29.02 4.93
CA ILE A 471 38.97 27.95 5.17
C ILE A 471 40.15 28.02 4.21
N CYS A 472 39.84 28.34 2.95
CA CYS A 472 40.87 28.42 1.96
C CYS A 472 41.89 29.52 2.23
N SER A 473 41.41 30.66 2.63
CA SER A 473 42.29 31.78 2.90
C SER A 473 43.29 31.46 3.98
N ILE A 474 42.75 30.98 5.11
CA ILE A 474 43.55 30.63 6.27
C ILE A 474 44.62 29.62 5.90
N ALA A 475 44.17 28.57 5.19
CA ALA A 475 45.09 27.52 4.77
C ALA A 475 46.21 28.06 3.87
N LEU A 476 45.86 28.80 2.86
CA LEU A 476 46.91 29.34 1.99
C LEU A 476 47.96 30.15 2.74
N SER A 477 47.48 30.96 3.66
CA SER A 477 48.38 31.80 4.39
C SER A 477 49.18 31.03 5.41
N ASN A 478 48.70 29.83 5.72
CA ASN A 478 49.39 29.10 6.75
C ASN A 478 50.09 27.82 6.36
N GLY A 479 50.42 27.63 5.09
CA GLY A 479 51.10 26.39 4.78
C GLY A 479 50.58 25.63 3.56
N SER A 480 49.34 25.97 3.17
CA SER A 480 48.79 25.28 2.06
C SER A 480 49.34 25.83 0.77
N TYR A 481 49.47 24.94 -0.21
CA TYR A 481 49.88 25.36 -1.54
C TYR A 481 48.66 25.49 -2.45
N GLY A 482 47.61 24.72 -2.18
CA GLY A 482 46.39 24.74 -2.99
C GLY A 482 45.23 24.36 -2.08
N SER A 483 44.15 25.12 -2.20
CA SER A 483 42.98 24.90 -1.37
C SER A 483 41.73 25.01 -2.20
N ARG A 484 40.77 24.11 -1.98
CA ARG A 484 39.56 24.20 -2.78
C ARG A 484 38.49 23.33 -2.14
N LEU A 485 37.25 23.53 -2.53
CA LEU A 485 36.23 22.67 -2.04
C LEU A 485 36.43 21.34 -2.74
N THR A 486 35.72 20.35 -2.26
CA THR A 486 35.71 19.02 -2.84
C THR A 486 34.27 18.54 -2.87
N GLY A 487 33.89 17.80 -3.89
CA GLY A 487 32.51 17.38 -3.95
C GLY A 487 31.64 18.48 -4.54
N ALA A 488 30.34 18.38 -4.36
CA ALA A 488 29.42 19.35 -4.92
C ALA A 488 29.57 20.80 -4.50
N GLY A 489 29.99 21.06 -3.26
CA GLY A 489 30.10 22.46 -2.78
C GLY A 489 28.89 22.88 -1.93
N TRP A 490 28.65 24.20 -1.86
CA TRP A 490 27.50 24.69 -1.05
C TRP A 490 27.63 24.29 0.44
N GLY A 491 28.89 24.07 0.82
CA GLY A 491 29.28 23.67 2.15
C GLY A 491 30.10 22.41 2.02
N GLY A 492 30.05 21.57 3.03
CA GLY A 492 30.78 20.31 3.01
C GLY A 492 32.26 20.54 3.29
N CYS A 493 33.12 19.71 2.64
CA CYS A 493 34.57 19.77 2.84
C CYS A 493 35.40 20.47 1.79
N THR A 494 36.66 20.66 2.27
CA THR A 494 37.76 21.25 1.55
C THR A 494 38.97 20.33 1.58
N VAL A 495 39.79 20.49 0.54
CA VAL A 495 41.02 19.76 0.34
C VAL A 495 42.14 20.76 0.25
N HIS A 496 43.30 20.40 0.80
CA HIS A 496 44.52 21.21 0.83
C HIS A 496 45.77 20.45 0.53
N LEU A 497 46.53 20.92 -0.42
CA LEU A 497 47.79 20.27 -0.74
C LEU A 497 48.82 20.84 0.24
N VAL A 498 49.24 20.05 1.17
CA VAL A 498 50.21 20.46 2.16
C VAL A 498 51.37 19.47 2.24
N PRO A 499 52.59 20.03 2.37
CA PRO A 499 53.77 19.20 2.50
C PRO A 499 53.69 18.45 3.79
N GLY A 500 53.79 17.13 3.63
CA GLY A 500 53.68 16.24 4.77
C GLY A 500 55.05 15.74 5.21
N GLY A 501 54.93 14.92 6.25
CA GLY A 501 56.08 14.30 6.84
C GLY A 501 56.76 15.24 7.79
N PRO A 502 57.94 14.80 8.14
CA PRO A 502 58.80 15.47 9.08
C PRO A 502 59.15 16.88 8.62
N ASN A 503 59.59 16.98 7.41
CA ASN A 503 59.96 18.28 6.97
C ASN A 503 58.70 19.06 6.60
N GLY A 504 57.53 18.56 6.99
CA GLY A 504 56.25 19.15 6.56
C GLY A 504 55.59 20.22 7.41
N ASN A 505 54.42 20.68 6.91
CA ASN A 505 53.61 21.73 7.55
C ASN A 505 52.22 21.33 7.96
N ILE A 506 51.93 20.05 8.04
CA ILE A 506 50.60 19.69 8.42
C ILE A 506 50.13 20.32 9.74
N GLU A 507 50.90 20.14 10.78
CA GLU A 507 50.54 20.70 12.06
C GLU A 507 50.30 22.20 12.04
N LYS A 508 51.12 22.87 11.28
CA LYS A 508 51.00 24.31 11.15
C LYS A 508 49.62 24.69 10.64
N VAL A 509 49.22 24.08 9.56
CA VAL A 509 47.90 24.35 8.99
C VAL A 509 46.74 24.01 9.93
N LYS A 510 46.80 22.80 10.45
CA LYS A 510 45.84 22.26 11.37
C LYS A 510 45.55 23.27 12.47
N GLU A 511 46.63 23.67 13.13
CA GLU A 511 46.58 24.62 14.23
C GLU A 511 45.91 25.91 13.85
N ALA A 512 46.37 26.52 12.77
CA ALA A 512 45.80 27.76 12.31
C ALA A 512 44.32 27.64 12.03
N LEU A 513 43.97 26.54 11.41
CA LEU A 513 42.58 26.32 11.09
C LEU A 513 41.78 26.25 12.37
N ALA A 514 42.30 25.49 13.33
CA ALA A 514 41.62 25.34 14.60
C ALA A 514 41.37 26.68 15.26
N ASN A 515 42.42 27.46 15.31
CA ASN A 515 42.33 28.75 15.96
C ASN A 515 41.60 29.81 15.20
N GLU A 516 41.92 29.95 13.92
CA GLU A 516 41.29 30.97 13.11
C GLU A 516 39.90 30.69 12.53
N PHE A 517 39.48 29.42 12.46
CA PHE A 517 38.16 29.16 11.89
C PHE A 517 37.15 28.54 12.84
N TYR A 518 37.48 27.32 13.16
CA TYR A 518 36.61 26.53 13.98
C TYR A 518 36.29 27.13 15.31
N LYS A 519 37.36 27.46 16.03
CA LYS A 519 37.23 28.02 17.35
C LYS A 519 36.45 29.33 17.33
N VAL A 520 36.51 29.99 16.19
CA VAL A 520 35.78 31.21 15.99
C VAL A 520 34.32 30.97 15.53
N LYS A 521 34.14 30.27 14.44
CA LYS A 521 32.80 30.02 13.99
C LYS A 521 32.05 29.04 14.89
N TYR A 522 32.76 28.08 15.47
CA TYR A 522 32.14 27.10 16.35
C TYR A 522 32.77 27.03 17.74
N PRO A 523 32.58 28.10 18.51
CA PRO A 523 33.10 28.23 19.87
C PRO A 523 32.81 27.04 20.74
N LYS A 524 31.67 26.44 20.55
CA LYS A 524 31.37 25.29 21.38
C LYS A 524 32.13 24.06 20.94
N ILE A 525 32.81 24.15 19.79
CA ILE A 525 33.52 23.00 19.30
C ILE A 525 34.52 22.40 20.28
N THR A 526 34.51 21.08 20.33
CA THR A 526 35.40 20.30 21.18
C THR A 526 36.61 19.80 20.43
N ASP A 527 37.68 19.54 21.18
CA ASP A 527 38.90 19.05 20.57
C ASP A 527 38.63 17.79 19.78
N ALA A 528 37.66 17.04 20.30
CA ALA A 528 37.24 15.81 19.68
C ALA A 528 36.59 16.07 18.33
N GLU A 529 35.61 16.99 18.34
CA GLU A 529 34.94 17.35 17.11
C GLU A 529 35.96 17.92 16.14
N LEU A 530 36.77 18.78 16.67
CA LEU A 530 37.77 19.36 15.87
C LEU A 530 38.56 18.28 15.19
N GLU A 531 39.04 17.37 16.01
CA GLU A 531 39.86 16.31 15.48
C GLU A 531 39.14 15.64 14.36
N ASN A 532 37.86 15.55 14.56
CA ASN A 532 37.15 14.93 13.52
C ASN A 532 36.89 15.80 12.30
N ALA A 533 37.06 17.11 12.43
CA ALA A 533 36.84 18.01 11.28
C ALA A 533 38.02 18.12 10.29
N ILE A 534 39.23 17.83 10.79
CA ILE A 534 40.46 17.92 10.02
C ILE A 534 41.12 16.59 9.97
N ILE A 535 41.30 16.14 8.74
CA ILE A 535 41.85 14.85 8.46
C ILE A 535 42.93 14.90 7.44
N VAL A 536 43.91 14.10 7.74
CA VAL A 536 44.94 13.93 6.79
C VAL A 536 44.55 12.68 6.05
N SER A 537 44.43 12.77 4.76
CA SER A 537 43.98 11.57 4.09
C SER A 537 45.01 10.72 3.39
N LYS A 538 44.75 9.45 3.44
CA LYS A 538 45.58 8.50 2.74
C LYS A 538 44.69 7.68 1.84
N PRO A 539 45.13 7.38 0.61
CA PRO A 539 44.27 6.63 -0.27
C PRO A 539 43.98 5.28 0.30
N ALA A 540 42.70 5.01 0.27
CA ALA A 540 42.21 3.76 0.81
C ALA A 540 41.84 2.83 -0.32
N LEU A 541 41.57 1.66 0.11
CA LEU A 541 41.14 0.62 -0.74
C LEU A 541 39.64 0.84 -0.96
N GLY A 542 39.15 0.49 -2.16
CA GLY A 542 37.75 0.63 -2.53
C GLY A 542 36.88 -0.51 -1.99
N SER A 543 35.72 -0.74 -2.64
CA SER A 543 34.83 -1.81 -2.18
C SER A 543 35.49 -3.12 -1.85
N CYS A 544 34.97 -3.80 -0.85
CA CYS A 544 35.48 -5.12 -0.49
C CYS A 544 34.57 -5.89 0.42
N LEU A 545 34.93 -7.17 0.57
CA LEU A 545 34.18 -8.16 1.30
C LEU A 545 34.93 -8.91 2.33
N TYR A 546 34.18 -9.16 3.37
CA TYR A 546 34.62 -9.91 4.49
C TYR A 546 33.71 -11.06 4.73
N GLU A 547 34.28 -12.21 4.68
CA GLU A 547 33.44 -13.33 4.89
C GLU A 547 33.50 -13.91 6.30
N LEU A 548 32.35 -14.35 6.85
CA LEU A 548 32.15 -14.84 8.15
C LEU A 548 31.56 -16.24 8.51
N VAL B 29 -49.31 0.41 7.58
CA VAL B 29 -48.60 1.24 6.62
C VAL B 29 -48.47 0.58 5.23
N ILE B 30 -48.30 1.46 4.26
CA ILE B 30 -48.15 1.07 2.88
C ILE B 30 -46.71 1.26 2.44
N VAL B 31 -46.33 0.60 1.36
CA VAL B 31 -45.00 0.78 0.80
C VAL B 31 -44.98 2.11 0.01
N PRO B 32 -44.19 3.07 0.46
CA PRO B 32 -44.15 4.36 -0.19
C PRO B 32 -43.86 4.36 -1.67
N GLU B 33 -44.83 4.91 -2.39
CA GLU B 33 -44.78 5.11 -3.82
C GLU B 33 -44.40 6.54 -3.96
N PHE B 34 -43.41 6.82 -4.81
CA PHE B 34 -42.96 8.17 -5.01
C PHE B 34 -43.11 8.61 -6.47
N ASN B 35 -43.13 9.94 -6.64
CA ASN B 35 -43.27 10.67 -7.90
C ASN B 35 -42.29 11.82 -7.88
N SER B 36 -42.19 12.57 -8.97
CA SER B 36 -41.26 13.69 -8.93
C SER B 36 -41.96 15.03 -8.81
N SER B 37 -43.29 14.91 -8.66
CA SER B 37 -44.21 16.02 -8.47
C SER B 37 -44.01 16.55 -7.04
N GLU B 40 -40.01 16.49 -2.58
CA GLU B 40 -39.30 15.88 -1.45
C GLU B 40 -39.00 14.40 -1.66
N LEU B 41 -37.99 14.15 -2.49
CA LEU B 41 -37.55 12.82 -2.83
C LEU B 41 -36.48 12.27 -1.91
N PRO B 42 -36.60 10.97 -1.66
CA PRO B 42 -35.66 10.26 -0.83
C PRO B 42 -34.35 10.18 -1.56
N ARG B 43 -33.31 10.62 -0.87
CA ARG B 43 -31.99 10.66 -1.42
C ARG B 43 -31.72 9.54 -2.42
N PRO B 44 -31.46 8.33 -1.92
CA PRO B 44 -31.17 7.22 -2.82
C PRO B 44 -31.90 7.36 -4.17
N LEU B 45 -33.20 7.57 -4.06
CA LEU B 45 -34.04 7.74 -5.21
C LEU B 45 -33.56 8.88 -6.07
N ALA B 46 -33.53 10.01 -5.41
CA ALA B 46 -33.10 11.19 -6.07
C ALA B 46 -31.80 10.92 -6.81
N GLU B 47 -30.91 10.20 -6.15
CA GLU B 47 -29.61 9.94 -6.73
C GLU B 47 -29.51 8.83 -7.72
N LYS B 48 -30.25 7.75 -7.57
CA LYS B 48 -29.99 6.69 -8.52
C LYS B 48 -30.98 6.51 -9.65
N CYS B 49 -32.17 7.03 -9.47
CA CYS B 49 -33.19 6.89 -10.48
C CYS B 49 -32.82 7.33 -11.89
N PRO B 50 -32.45 8.56 -11.98
CA PRO B 50 -32.08 9.15 -13.23
C PRO B 50 -31.18 8.25 -14.04
N SER B 51 -30.10 7.86 -13.42
CA SER B 51 -29.16 7.01 -14.11
C SER B 51 -29.73 5.66 -14.55
N ILE B 52 -30.56 5.07 -13.74
CA ILE B 52 -31.04 3.78 -14.16
C ILE B 52 -32.07 3.92 -15.26
N ILE B 53 -32.64 5.11 -15.27
CA ILE B 53 -33.66 5.43 -16.25
C ILE B 53 -33.11 5.41 -17.67
N LYS B 54 -31.95 6.05 -17.82
CA LYS B 54 -31.23 6.10 -19.07
C LYS B 54 -30.78 4.72 -19.49
N LYS B 55 -30.36 3.95 -18.50
CA LYS B 55 -29.93 2.60 -18.77
C LYS B 55 -31.03 1.73 -19.36
N PHE B 56 -32.22 1.85 -18.79
CA PHE B 56 -33.36 1.10 -19.31
C PHE B 56 -33.71 1.48 -20.76
N ILE B 57 -33.69 2.77 -20.98
CA ILE B 57 -34.00 3.25 -22.31
C ILE B 57 -32.98 2.72 -23.29
N SER B 58 -31.69 2.79 -22.88
CA SER B 58 -30.62 2.28 -23.72
C SER B 58 -30.79 0.80 -23.93
N ALA B 59 -31.26 0.17 -22.88
CA ALA B 59 -31.42 -1.24 -22.99
C ALA B 59 -32.66 -1.62 -23.74
N TYR B 60 -33.73 -0.87 -23.48
CA TYR B 60 -35.00 -1.23 -24.08
C TYR B 60 -35.63 -0.33 -25.13
N ASP B 61 -35.01 0.82 -25.44
CA ASP B 61 -35.57 1.72 -26.45
C ASP B 61 -36.96 2.16 -26.04
N ALA B 62 -37.06 2.46 -24.77
CA ALA B 62 -38.35 2.83 -24.26
C ALA B 62 -38.22 3.20 -22.81
N LYS B 63 -39.11 4.06 -22.35
CA LYS B 63 -39.05 4.45 -20.96
C LYS B 63 -39.71 3.42 -20.05
N PRO B 64 -39.27 3.35 -18.80
CA PRO B 64 -39.86 2.39 -17.87
C PRO B 64 -41.13 2.97 -17.26
N ASP B 65 -41.95 2.15 -16.65
CA ASP B 65 -43.15 2.67 -15.99
C ASP B 65 -42.90 3.07 -14.55
N PHE B 66 -42.05 2.31 -13.86
CA PHE B 66 -41.69 2.59 -12.47
C PHE B 66 -40.36 1.97 -12.12
N VAL B 67 -39.95 2.33 -10.92
CA VAL B 67 -38.72 1.83 -10.40
C VAL B 67 -38.92 1.31 -9.00
N ALA B 68 -38.61 0.03 -8.82
CA ALA B 68 -38.69 -0.61 -7.51
C ALA B 68 -37.35 -0.63 -6.82
N ARG B 69 -37.36 -0.28 -5.55
CA ARG B 69 -36.15 -0.28 -4.78
C ARG B 69 -36.32 -1.02 -3.48
N SER B 70 -35.22 -1.57 -3.00
CA SER B 70 -35.21 -2.29 -1.74
C SER B 70 -33.80 -2.33 -1.28
N PRO B 71 -33.62 -2.00 -0.03
CA PRO B 71 -32.27 -1.90 0.51
C PRO B 71 -31.73 -3.21 1.07
N GLY B 72 -30.44 -3.15 1.37
CA GLY B 72 -29.68 -4.22 2.00
C GLY B 72 -29.83 -4.02 3.50
N ARG B 73 -29.17 -4.86 4.34
CA ARG B 73 -29.34 -4.73 5.78
C ARG B 73 -28.16 -5.03 6.60
N VAL B 74 -28.26 -4.55 7.81
CA VAL B 74 -27.26 -4.84 8.77
C VAL B 74 -27.91 -5.33 10.04
N ASN B 75 -27.34 -6.40 10.61
CA ASN B 75 -27.91 -6.92 11.84
C ASN B 75 -27.01 -6.55 12.98
N LEU B 76 -27.54 -5.77 13.90
CA LEU B 76 -26.68 -5.32 14.99
C LEU B 76 -26.31 -6.43 15.95
N ILE B 77 -27.34 -7.19 16.26
CA ILE B 77 -27.22 -8.32 17.16
C ILE B 77 -28.39 -9.27 16.93
N GLY B 78 -28.18 -10.56 17.15
CA GLY B 78 -29.22 -11.58 16.97
C GLY B 78 -28.90 -12.44 15.78
N GLU B 79 -27.69 -13.03 15.80
CA GLU B 79 -27.25 -13.87 14.71
C GLU B 79 -27.69 -15.31 14.75
N HIS B 80 -28.14 -15.79 13.61
CA HIS B 80 -28.59 -17.16 13.48
C HIS B 80 -29.64 -17.59 14.49
N ILE B 81 -30.67 -16.80 14.73
CA ILE B 81 -31.69 -17.23 15.67
C ILE B 81 -33.06 -16.97 15.08
N ASP B 82 -33.05 -16.29 13.94
CA ASP B 82 -34.29 -15.95 13.26
C ASP B 82 -35.02 -17.19 12.82
N TYR B 83 -34.27 -18.20 12.35
CA TYR B 83 -34.92 -19.46 11.95
C TYR B 83 -35.42 -20.26 13.19
N CYS B 84 -35.23 -19.71 14.39
CA CYS B 84 -35.67 -20.34 15.61
C CYS B 84 -36.82 -19.55 16.19
N ASP B 85 -37.28 -18.54 15.44
CA ASP B 85 -38.38 -17.61 15.77
C ASP B 85 -38.07 -16.61 16.83
N PHE B 86 -36.78 -16.39 17.05
CA PHE B 86 -36.34 -15.45 18.03
C PHE B 86 -36.15 -14.13 17.34
N SER B 87 -36.39 -13.09 18.09
CA SER B 87 -36.33 -11.73 17.61
C SER B 87 -34.93 -11.22 17.37
N VAL B 88 -34.81 -10.22 16.45
CA VAL B 88 -33.52 -9.64 16.02
C VAL B 88 -33.47 -8.12 15.97
N LEU B 89 -32.25 -7.63 15.79
CA LEU B 89 -31.98 -6.20 15.71
C LEU B 89 -31.26 -5.75 14.43
N PRO B 90 -32.03 -5.75 13.38
CA PRO B 90 -31.58 -5.41 12.05
C PRO B 90 -31.73 -3.91 11.74
N LEU B 91 -31.08 -3.52 10.63
CA LEU B 91 -31.01 -2.16 10.11
C LEU B 91 -31.03 -2.05 8.57
N ALA B 92 -31.91 -1.22 8.02
CA ALA B 92 -31.85 -1.06 6.58
C ALA B 92 -30.65 -0.14 6.29
N ILE B 93 -29.95 -0.38 5.19
CA ILE B 93 -28.77 0.44 4.89
C ILE B 93 -28.89 1.13 3.56
N ASP B 94 -27.85 1.92 3.26
CA ASP B 94 -27.75 2.72 2.04
C ASP B 94 -27.37 2.00 0.76
N PHE B 95 -27.41 0.71 0.77
CA PHE B 95 -27.12 -0.04 -0.41
C PHE B 95 -28.41 -0.67 -0.80
N ASP B 96 -28.64 -0.69 -2.09
CA ASP B 96 -29.89 -1.20 -2.60
C ASP B 96 -29.80 -1.86 -3.96
N MET B 97 -31.00 -2.19 -4.38
CA MET B 97 -31.23 -2.81 -5.64
C MET B 97 -32.35 -2.04 -6.29
N LEU B 98 -32.14 -1.66 -7.51
CA LEU B 98 -33.22 -0.98 -8.18
C LEU B 98 -33.67 -1.82 -9.34
N CYS B 99 -34.99 -1.81 -9.58
CA CYS B 99 -35.59 -2.54 -10.67
C CYS B 99 -36.46 -1.66 -11.57
N ALA B 100 -35.92 -1.17 -12.69
CA ALA B 100 -36.78 -0.38 -13.56
C ALA B 100 -37.62 -1.33 -14.42
N VAL B 101 -38.91 -1.13 -14.35
CA VAL B 101 -39.76 -2.01 -15.10
C VAL B 101 -40.60 -1.32 -16.13
N LYS B 102 -40.95 -2.15 -17.11
CA LYS B 102 -41.80 -1.83 -18.21
C LYS B 102 -42.76 -2.96 -18.48
N VAL B 103 -44.04 -2.62 -18.26
CA VAL B 103 -45.18 -3.51 -18.42
C VAL B 103 -45.64 -3.69 -19.85
N LEU B 104 -45.70 -4.93 -20.28
CA LEU B 104 -46.12 -5.18 -21.63
C LEU B 104 -47.51 -5.71 -21.72
N ASN B 105 -47.98 -5.67 -22.99
CA ASN B 105 -49.26 -6.17 -23.46
C ASN B 105 -49.01 -7.14 -24.60
N GLU B 106 -48.75 -8.37 -24.20
CA GLU B 106 -48.42 -9.40 -25.14
C GLU B 106 -49.49 -10.43 -25.24
N LYS B 107 -49.39 -11.11 -26.36
CA LYS B 107 -50.24 -12.22 -26.61
C LYS B 107 -49.68 -13.23 -25.64
N ASN B 108 -48.41 -13.56 -25.92
CA ASN B 108 -47.69 -14.48 -25.10
C ASN B 108 -46.70 -13.72 -24.25
N PRO B 109 -47.19 -13.33 -23.07
CA PRO B 109 -46.38 -12.57 -22.18
C PRO B 109 -45.09 -13.34 -21.91
N SER B 110 -44.05 -12.59 -21.58
CA SER B 110 -42.72 -13.11 -21.30
C SER B 110 -41.91 -12.12 -20.45
N ILE B 111 -40.82 -12.62 -19.87
CA ILE B 111 -40.01 -11.75 -19.06
C ILE B 111 -38.57 -11.70 -19.49
N THR B 112 -38.14 -10.48 -19.65
CA THR B 112 -36.78 -10.20 -20.07
C THR B 112 -36.05 -9.48 -18.96
N LEU B 113 -34.86 -10.02 -18.63
CA LEU B 113 -33.98 -9.56 -17.57
C LEU B 113 -32.65 -9.07 -18.07
N ILE B 114 -32.37 -7.83 -17.75
CA ILE B 114 -31.09 -7.21 -18.03
C ILE B 114 -30.53 -6.58 -16.76
N ASN B 115 -29.26 -6.85 -16.50
CA ASN B 115 -28.54 -6.40 -15.33
C ASN B 115 -27.38 -5.49 -15.69
N ALA B 116 -27.13 -4.46 -14.86
CA ALA B 116 -26.06 -3.50 -15.07
C ALA B 116 -24.70 -4.16 -15.02
N ASP B 117 -24.57 -5.12 -14.13
CA ASP B 117 -23.37 -5.88 -13.93
C ASP B 117 -23.21 -6.88 -15.06
N PRO B 118 -22.04 -6.87 -15.68
CA PRO B 118 -21.90 -7.83 -16.73
C PRO B 118 -21.99 -9.24 -16.18
N LYS B 119 -21.47 -9.43 -14.96
CA LYS B 119 -21.51 -10.74 -14.30
C LYS B 119 -22.81 -11.49 -14.52
N PHE B 120 -23.91 -10.74 -14.53
CA PHE B 120 -25.23 -11.30 -14.72
C PHE B 120 -25.75 -11.02 -16.09
N ALA B 121 -25.79 -12.10 -16.83
CA ALA B 121 -26.24 -12.07 -18.19
C ALA B 121 -27.72 -12.11 -18.33
N GLN B 122 -28.09 -11.52 -19.44
CA GLN B 122 -29.43 -11.36 -19.90
C GLN B 122 -30.23 -12.66 -19.88
N ARG B 123 -31.43 -12.60 -19.30
CA ARG B 123 -32.33 -13.73 -19.22
C ARG B 123 -33.68 -13.39 -19.82
N LYS B 124 -34.38 -14.41 -20.26
CA LYS B 124 -35.66 -14.17 -20.84
C LYS B 124 -36.43 -15.45 -20.94
N PHE B 125 -37.63 -15.45 -20.44
CA PHE B 125 -38.44 -16.63 -20.46
C PHE B 125 -39.89 -16.26 -20.51
N ASP B 126 -40.62 -17.28 -20.90
CA ASP B 126 -42.04 -17.21 -21.06
C ASP B 126 -42.78 -17.56 -19.81
N LEU B 127 -43.94 -16.94 -19.72
CA LEU B 127 -44.84 -17.15 -18.62
C LEU B 127 -45.98 -18.06 -19.10
N PRO B 128 -46.18 -19.18 -18.40
CA PRO B 128 -47.23 -20.13 -18.73
C PRO B 128 -48.62 -19.50 -18.80
N LEU B 129 -49.29 -19.83 -19.93
CA LEU B 129 -50.62 -19.41 -20.33
C LEU B 129 -51.66 -19.73 -19.27
N ASP B 130 -51.69 -20.98 -18.84
CA ASP B 130 -52.63 -21.44 -17.83
C ASP B 130 -52.48 -20.76 -16.49
N GLY B 131 -51.53 -19.85 -16.39
CA GLY B 131 -51.33 -19.15 -15.14
C GLY B 131 -50.64 -20.04 -14.12
N SER B 132 -49.90 -21.02 -14.60
CA SER B 132 -49.21 -21.87 -13.65
C SER B 132 -47.93 -21.14 -13.32
N TYR B 133 -47.20 -21.65 -12.32
CA TYR B 133 -45.94 -21.09 -11.85
C TYR B 133 -44.75 -21.56 -12.63
N VAL B 134 -43.81 -20.64 -12.86
CA VAL B 134 -42.59 -21.02 -13.54
C VAL B 134 -41.77 -21.88 -12.60
N THR B 135 -41.03 -22.78 -13.24
CA THR B 135 -40.19 -23.71 -12.54
C THR B 135 -38.89 -23.10 -12.13
N ILE B 136 -38.53 -23.36 -10.89
CA ILE B 136 -37.29 -22.87 -10.38
C ILE B 136 -36.35 -23.99 -10.08
N ASP B 137 -35.12 -23.89 -10.59
CA ASP B 137 -34.10 -24.86 -10.29
C ASP B 137 -32.85 -24.38 -9.57
N PRO B 138 -32.73 -24.90 -8.33
CA PRO B 138 -31.58 -24.66 -7.50
C PRO B 138 -30.36 -25.40 -8.03
N SER B 139 -30.57 -26.58 -8.64
CA SER B 139 -29.49 -27.39 -9.20
C SER B 139 -28.33 -26.57 -9.77
N VAL B 140 -28.65 -25.56 -10.61
CA VAL B 140 -27.67 -24.64 -11.17
C VAL B 140 -27.78 -23.34 -10.38
N SER B 141 -26.68 -22.63 -10.19
CA SER B 141 -26.78 -21.37 -9.49
C SER B 141 -26.83 -20.22 -10.49
N ASP B 142 -28.02 -19.66 -10.68
CA ASP B 142 -28.25 -18.57 -11.64
C ASP B 142 -29.12 -17.46 -11.11
N TRP B 143 -28.74 -16.24 -11.44
CA TRP B 143 -29.45 -15.07 -10.98
C TRP B 143 -30.94 -14.96 -11.30
N SER B 144 -31.32 -15.50 -12.44
CA SER B 144 -32.71 -15.42 -12.78
C SER B 144 -33.54 -16.16 -11.77
N ASN B 145 -32.90 -17.12 -11.11
CA ASN B 145 -33.58 -17.95 -10.11
C ASN B 145 -34.00 -17.14 -8.92
N TYR B 146 -33.18 -16.18 -8.58
CA TYR B 146 -33.52 -15.36 -7.46
C TYR B 146 -34.67 -14.49 -7.87
N PHE B 147 -34.63 -14.05 -9.11
CA PHE B 147 -35.68 -13.24 -9.65
C PHE B 147 -36.97 -14.03 -9.57
N LYS B 148 -36.93 -15.26 -10.06
CA LYS B 148 -38.08 -16.14 -10.06
C LYS B 148 -38.69 -16.28 -8.67
N CYS B 149 -37.84 -16.18 -7.67
CA CYS B 149 -38.26 -16.27 -6.26
C CYS B 149 -39.23 -15.14 -5.96
N GLY B 150 -38.81 -13.93 -6.31
CA GLY B 150 -39.68 -12.79 -6.10
C GLY B 150 -40.95 -12.98 -6.92
N LEU B 151 -40.78 -13.52 -8.11
CA LEU B 151 -41.87 -13.77 -8.97
C LEU B 151 -42.89 -14.67 -8.36
N HIS B 152 -42.40 -15.85 -8.11
CA HIS B 152 -43.20 -16.90 -7.59
C HIS B 152 -44.11 -16.44 -6.51
N VAL B 153 -43.42 -15.87 -5.58
CA VAL B 153 -43.98 -15.36 -4.37
C VAL B 153 -45.10 -14.36 -4.72
N ALA B 154 -44.74 -13.29 -5.40
CA ALA B 154 -45.66 -12.24 -5.82
C ALA B 154 -46.87 -12.89 -6.50
N HIS B 155 -46.59 -13.87 -7.39
CA HIS B 155 -47.57 -14.67 -8.11
C HIS B 155 -48.62 -15.28 -7.18
N SER B 156 -48.14 -16.02 -6.20
CA SER B 156 -48.99 -16.66 -5.20
C SER B 156 -49.99 -15.69 -4.59
N PHE B 157 -49.41 -14.62 -4.11
CA PHE B 157 -50.16 -13.58 -3.48
C PHE B 157 -51.24 -13.07 -4.41
N LEU B 158 -50.83 -12.67 -5.59
CA LEU B 158 -51.78 -12.15 -6.56
C LEU B 158 -52.93 -13.11 -6.76
N LYS B 159 -52.61 -14.38 -6.94
CA LYS B 159 -53.63 -15.36 -7.18
C LYS B 159 -54.73 -15.29 -6.13
N LYS B 160 -54.30 -14.91 -4.93
CA LYS B 160 -55.23 -14.77 -3.82
C LYS B 160 -56.10 -13.54 -4.04
N LEU B 161 -55.44 -12.40 -4.18
CA LEU B 161 -56.12 -11.15 -4.42
C LEU B 161 -57.20 -11.23 -5.49
N ALA B 162 -56.75 -11.37 -6.74
CA ALA B 162 -57.60 -11.42 -7.91
C ALA B 162 -57.70 -12.76 -8.60
N PRO B 163 -58.09 -13.77 -7.85
CA PRO B 163 -58.26 -15.13 -8.37
C PRO B 163 -58.95 -15.11 -9.74
N GLU B 164 -59.92 -14.20 -9.85
CA GLU B 164 -60.65 -14.03 -11.08
C GLU B 164 -59.63 -13.88 -12.18
N ARG B 165 -58.98 -12.73 -12.10
CA ARG B 165 -57.92 -12.29 -12.96
C ARG B 165 -56.71 -13.22 -13.10
N PHE B 166 -56.30 -13.92 -12.02
CA PHE B 166 -55.08 -14.73 -12.08
C PHE B 166 -55.12 -16.23 -12.00
N ALA B 167 -56.18 -16.79 -11.51
CA ALA B 167 -56.23 -18.23 -11.36
C ALA B 167 -55.87 -19.10 -12.58
N SER B 168 -56.37 -18.76 -13.75
CA SER B 168 -56.14 -19.57 -14.96
C SER B 168 -55.44 -18.84 -16.08
N ALA B 169 -55.00 -17.64 -15.77
CA ALA B 169 -54.34 -16.77 -16.72
C ALA B 169 -52.95 -16.34 -16.28
N PRO B 170 -52.16 -15.90 -17.26
CA PRO B 170 -50.81 -15.47 -17.01
C PRO B 170 -50.70 -14.10 -16.40
N LEU B 171 -49.49 -13.79 -15.98
CA LEU B 171 -49.24 -12.46 -15.46
C LEU B 171 -48.80 -11.57 -16.62
N ALA B 172 -48.50 -10.30 -16.34
CA ALA B 172 -48.05 -9.35 -17.38
C ALA B 172 -46.63 -9.63 -17.82
N GLY B 173 -46.39 -9.43 -19.14
CA GLY B 173 -45.07 -9.60 -19.70
C GLY B 173 -44.31 -8.40 -19.17
N LEU B 174 -42.99 -8.50 -19.03
CA LEU B 174 -42.25 -7.35 -18.52
C LEU B 174 -40.89 -7.22 -19.11
N GLN B 175 -40.41 -5.99 -19.01
CA GLN B 175 -39.08 -5.63 -19.43
C GLN B 175 -38.39 -5.03 -18.23
N VAL B 176 -37.43 -5.76 -17.70
CA VAL B 176 -36.74 -5.34 -16.51
C VAL B 176 -35.25 -5.06 -16.66
N PHE B 177 -34.86 -4.01 -16.00
CA PHE B 177 -33.46 -3.57 -15.92
C PHE B 177 -33.04 -3.51 -14.46
N CYS B 178 -31.99 -4.26 -14.10
CA CYS B 178 -31.54 -4.32 -12.72
C CYS B 178 -30.18 -3.76 -12.49
N GLU B 179 -30.08 -3.14 -11.33
CA GLU B 179 -28.86 -2.53 -10.84
C GLU B 179 -28.88 -2.36 -9.31
N GLY B 180 -28.02 -3.13 -8.64
CA GLY B 180 -27.94 -3.06 -7.20
C GLY B 180 -26.54 -2.59 -6.82
N ASP B 181 -26.41 -1.88 -5.72
CA ASP B 181 -25.10 -1.43 -5.27
C ASP B 181 -24.69 -2.20 -4.04
N VAL B 182 -25.51 -3.18 -3.69
CA VAL B 182 -25.19 -4.03 -2.57
C VAL B 182 -24.14 -5.04 -3.02
N PRO B 183 -23.06 -5.12 -2.26
CA PRO B 183 -21.98 -6.04 -2.55
C PRO B 183 -22.41 -7.49 -2.31
N THR B 184 -22.20 -8.30 -3.36
CA THR B 184 -22.62 -9.67 -3.31
C THR B 184 -21.77 -10.57 -2.43
N GLY B 185 -22.41 -11.48 -1.67
CA GLY B 185 -21.67 -12.39 -0.80
C GLY B 185 -20.94 -11.61 0.31
N SER B 186 -21.52 -10.45 0.58
CA SER B 186 -21.01 -9.55 1.59
C SER B 186 -21.62 -9.85 2.94
N GLY B 187 -22.75 -10.57 2.96
CA GLY B 187 -23.43 -10.82 4.22
C GLY B 187 -24.37 -9.65 4.48
N LEU B 188 -24.55 -8.78 3.48
CA LEU B 188 -25.44 -7.64 3.64
C LEU B 188 -26.79 -7.90 3.04
N SER B 189 -26.97 -9.11 2.55
CA SER B 189 -28.24 -9.47 2.02
C SER B 189 -28.61 -8.81 0.68
N SER B 190 -27.71 -8.87 -0.30
CA SER B 190 -28.06 -8.32 -1.60
C SER B 190 -29.12 -9.24 -2.21
N SER B 191 -29.10 -10.49 -1.76
CA SER B 191 -30.05 -11.52 -2.13
C SER B 191 -31.50 -11.10 -1.79
N ALA B 192 -31.66 -10.47 -0.62
CA ALA B 192 -32.97 -10.01 -0.12
C ALA B 192 -33.46 -8.68 -0.75
N ALA B 193 -32.56 -7.72 -0.88
CA ALA B 193 -32.90 -6.46 -1.53
C ALA B 193 -33.51 -6.78 -2.92
N PHE B 194 -32.90 -7.74 -3.60
CA PHE B 194 -33.26 -8.20 -4.94
C PHE B 194 -34.64 -8.83 -4.95
N ILE B 195 -34.81 -9.82 -4.08
CA ILE B 195 -36.06 -10.54 -3.98
C ILE B 195 -37.23 -9.60 -3.69
N CYS B 196 -37.03 -8.80 -2.66
CA CYS B 196 -38.00 -7.81 -2.23
C CYS B 196 -38.45 -6.87 -3.35
N ALA B 197 -37.45 -6.19 -3.96
CA ALA B 197 -37.64 -5.27 -5.06
C ALA B 197 -38.44 -5.93 -6.19
N VAL B 198 -38.03 -7.16 -6.48
CA VAL B 198 -38.70 -7.89 -7.50
C VAL B 198 -40.16 -8.13 -7.15
N ALA B 199 -40.37 -8.59 -5.93
CA ALA B 199 -41.71 -8.90 -5.44
C ALA B 199 -42.59 -7.68 -5.51
N LEU B 200 -42.07 -6.60 -5.02
CA LEU B 200 -42.83 -5.41 -5.06
C LEU B 200 -43.25 -5.14 -6.50
N ALA B 201 -42.24 -4.92 -7.34
CA ALA B 201 -42.43 -4.60 -8.75
C ALA B 201 -43.48 -5.43 -9.43
N VAL B 202 -43.41 -6.68 -9.15
CA VAL B 202 -44.33 -7.56 -9.78
C VAL B 202 -45.79 -7.35 -9.36
N VAL B 203 -46.00 -6.97 -8.11
CA VAL B 203 -47.37 -6.78 -7.66
C VAL B 203 -47.93 -5.54 -8.31
N LYS B 204 -47.13 -4.49 -8.13
CA LYS B 204 -47.48 -3.27 -8.72
C LYS B 204 -47.74 -3.51 -10.18
N ALA B 205 -46.79 -4.10 -10.84
CA ALA B 205 -46.96 -4.37 -12.27
C ALA B 205 -48.31 -4.97 -12.62
N ASN B 206 -48.84 -5.81 -11.76
CA ASN B 206 -50.10 -6.43 -12.09
C ASN B 206 -51.29 -5.82 -11.42
N MET B 207 -51.09 -5.17 -10.30
CA MET B 207 -52.24 -4.60 -9.65
C MET B 207 -52.60 -3.29 -10.30
N GLY B 208 -51.60 -2.50 -10.49
CA GLY B 208 -51.83 -1.23 -11.10
C GLY B 208 -51.39 -0.11 -10.19
N PRO B 209 -51.35 1.06 -10.82
CA PRO B 209 -50.98 2.31 -10.19
C PRO B 209 -51.93 2.65 -9.06
N GLY B 210 -53.17 2.16 -9.19
CA GLY B 210 -54.20 2.35 -8.19
C GLY B 210 -53.93 1.60 -6.89
N TYR B 211 -53.29 0.42 -7.01
CA TYR B 211 -52.95 -0.44 -5.88
C TYR B 211 -51.82 0.05 -5.01
N HIS B 212 -52.00 -0.26 -3.72
CA HIS B 212 -51.06 0.02 -2.64
C HIS B 212 -50.85 -1.26 -1.84
N MET B 213 -49.57 -1.58 -1.72
CA MET B 213 -49.04 -2.76 -1.06
C MET B 213 -48.68 -2.44 0.37
N SER B 214 -49.26 -3.15 1.32
CA SER B 214 -48.88 -2.85 2.69
C SER B 214 -47.50 -3.40 2.92
N LYS B 215 -46.72 -2.69 3.72
CA LYS B 215 -45.40 -3.20 4.03
C LYS B 215 -45.54 -4.61 4.56
N GLN B 216 -46.64 -4.80 5.25
CA GLN B 216 -46.92 -6.05 5.87
C GLN B 216 -47.03 -7.17 4.88
N ASN B 217 -47.85 -6.98 3.87
CA ASN B 217 -47.95 -8.09 2.95
C ASN B 217 -46.64 -8.32 2.23
N LEU B 218 -45.92 -7.21 2.09
CA LEU B 218 -44.68 -7.28 1.38
C LEU B 218 -43.76 -8.24 2.09
N MET B 219 -43.52 -7.90 3.33
CA MET B 219 -42.67 -8.68 4.18
C MET B 219 -43.21 -10.11 4.39
N ARG B 220 -44.46 -10.14 4.72
CA ARG B 220 -45.10 -11.40 4.93
C ARG B 220 -44.81 -12.40 3.82
N ILE B 221 -44.94 -11.98 2.58
CA ILE B 221 -44.71 -12.88 1.47
C ILE B 221 -43.23 -13.08 1.11
N THR B 222 -42.38 -12.09 1.37
CA THR B 222 -40.99 -12.26 0.98
C THR B 222 -40.17 -13.15 1.88
N VAL B 223 -40.56 -13.11 3.11
CA VAL B 223 -39.94 -13.84 4.16
C VAL B 223 -39.61 -15.34 3.91
N VAL B 224 -40.27 -16.00 2.95
CA VAL B 224 -39.97 -17.40 2.65
C VAL B 224 -39.46 -17.66 1.25
N ALA B 225 -39.30 -16.58 0.52
CA ALA B 225 -38.87 -16.65 -0.88
C ALA B 225 -37.68 -17.53 -1.15
N GLU B 226 -36.60 -17.32 -0.34
CA GLU B 226 -35.33 -18.03 -0.44
C GLU B 226 -35.42 -19.53 -0.27
N HIS B 227 -36.48 -19.96 0.38
CA HIS B 227 -36.64 -21.38 0.56
C HIS B 227 -36.80 -22.05 -0.77
N TYR B 228 -37.31 -21.35 -1.77
CA TYR B 228 -37.49 -21.94 -3.10
C TYR B 228 -36.19 -22.21 -3.83
N VAL B 229 -35.15 -21.62 -3.30
CA VAL B 229 -33.84 -21.79 -3.86
C VAL B 229 -32.97 -22.72 -2.98
N GLY B 230 -33.60 -23.40 -2.03
CA GLY B 230 -32.97 -24.37 -1.17
C GLY B 230 -32.24 -23.80 0.04
N VAL B 231 -32.60 -22.62 0.44
CA VAL B 231 -31.94 -22.07 1.60
C VAL B 231 -32.97 -21.89 2.66
N ASN B 232 -32.82 -22.57 3.77
CA ASN B 232 -33.82 -22.47 4.82
C ASN B 232 -33.62 -21.43 5.88
N ASN B 233 -33.54 -20.16 5.50
CA ASN B 233 -33.33 -19.10 6.48
C ASN B 233 -34.61 -18.55 7.09
N GLY B 234 -34.44 -17.59 8.01
CA GLY B 234 -35.60 -16.94 8.62
C GLY B 234 -35.95 -15.72 7.74
N GLY B 235 -36.89 -14.90 8.15
CA GLY B 235 -37.15 -13.80 7.22
C GLY B 235 -36.50 -12.51 7.65
N MET B 236 -35.38 -12.66 8.32
CA MET B 236 -34.69 -11.53 8.87
C MET B 236 -34.45 -10.47 7.85
N ASP B 237 -33.90 -10.92 6.74
CA ASP B 237 -33.53 -10.05 5.64
C ASP B 237 -34.65 -9.30 4.98
N GLN B 238 -35.67 -10.05 4.62
CA GLN B 238 -36.79 -9.43 3.99
C GLN B 238 -37.42 -8.45 4.94
N ALA B 239 -37.67 -8.88 6.16
CA ALA B 239 -38.28 -8.01 7.09
C ALA B 239 -37.58 -6.67 7.11
N ALA B 240 -36.28 -6.72 7.20
CA ALA B 240 -35.53 -5.50 7.26
C ALA B 240 -35.49 -4.72 5.95
N SER B 241 -35.53 -5.46 4.83
CA SER B 241 -35.49 -4.76 3.56
C SER B 241 -36.75 -3.94 3.43
N VAL B 242 -37.84 -4.59 3.83
CA VAL B 242 -39.15 -3.97 3.77
C VAL B 242 -39.34 -2.82 4.74
N CYS B 243 -39.22 -3.14 6.01
CA CYS B 243 -39.48 -2.21 7.08
C CYS B 243 -38.52 -1.09 7.42
N GLY B 244 -37.39 -0.99 6.74
CA GLY B 244 -36.49 0.09 7.07
C GLY B 244 -37.15 1.48 7.05
N GLU B 245 -36.77 2.26 8.04
CA GLU B 245 -37.24 3.62 8.18
C GLU B 245 -35.99 4.47 8.31
N GLU B 246 -36.08 5.65 7.79
CA GLU B 246 -34.92 6.52 7.87
C GLU B 246 -34.62 6.92 9.31
N ASP B 247 -33.39 6.64 9.75
CA ASP B 247 -32.97 6.98 11.09
C ASP B 247 -33.64 6.12 12.14
N HIS B 248 -33.97 4.92 11.72
CA HIS B 248 -34.59 3.99 12.64
C HIS B 248 -34.04 2.59 12.51
N ALA B 249 -33.89 1.95 13.68
CA ALA B 249 -33.47 0.56 13.76
C ALA B 249 -34.77 -0.20 13.97
N LEU B 250 -34.69 -1.49 13.81
CA LEU B 250 -35.87 -2.28 13.97
C LEU B 250 -35.68 -3.46 14.91
N TYR B 251 -36.82 -3.86 15.46
CA TYR B 251 -36.95 -4.98 16.34
C TYR B 251 -37.90 -5.86 15.59
N VAL B 252 -37.31 -6.92 15.05
CA VAL B 252 -38.07 -7.84 14.27
C VAL B 252 -38.41 -8.95 15.19
N GLU B 253 -39.70 -9.33 15.15
CA GLU B 253 -40.35 -10.39 15.90
C GLU B 253 -41.07 -11.28 14.91
N PHE B 254 -40.90 -12.60 15.10
CA PHE B 254 -41.48 -13.58 14.22
C PHE B 254 -42.66 -14.26 14.83
N LYS B 255 -42.59 -14.31 16.13
CA LYS B 255 -43.63 -14.92 16.88
C LYS B 255 -43.89 -14.15 18.15
N PRO B 256 -45.11 -14.16 18.59
CA PRO B 256 -46.25 -14.90 18.07
C PRO B 256 -46.75 -14.38 16.73
N GLN B 257 -46.35 -13.16 16.39
CA GLN B 257 -46.75 -12.55 15.13
C GLN B 257 -45.59 -11.83 14.48
N LEU B 258 -45.62 -11.86 13.13
CA LEU B 258 -44.59 -11.22 12.32
C LEU B 258 -44.69 -9.69 12.41
N LYS B 259 -43.69 -9.09 13.10
CA LYS B 259 -43.67 -7.66 13.35
C LYS B 259 -42.30 -7.02 13.32
N ALA B 260 -42.28 -5.82 12.77
CA ALA B 260 -41.09 -5.01 12.71
C ALA B 260 -41.40 -3.71 13.46
N THR B 261 -40.54 -3.30 14.35
CA THR B 261 -40.87 -2.12 15.10
C THR B 261 -39.72 -1.15 15.20
N PRO B 262 -39.87 -0.09 14.45
CA PRO B 262 -38.86 0.93 14.40
C PRO B 262 -38.69 1.67 15.70
N PHE B 263 -37.47 2.14 15.87
CA PHE B 263 -37.08 2.89 17.02
C PHE B 263 -35.72 3.54 16.76
N LYS B 264 -35.56 4.78 17.24
CA LYS B 264 -34.31 5.50 17.07
C LYS B 264 -33.41 5.14 18.22
N PHE B 265 -32.15 5.50 18.09
CA PHE B 265 -31.27 5.22 19.19
C PHE B 265 -31.41 6.19 20.32
N PRO B 266 -30.98 5.73 21.48
CA PRO B 266 -31.02 6.57 22.65
C PRO B 266 -30.25 7.85 22.36
N GLN B 267 -30.85 8.96 22.75
CA GLN B 267 -30.19 10.23 22.55
C GLN B 267 -29.16 10.41 23.65
N LEU B 268 -27.89 10.42 23.26
CA LEU B 268 -26.90 10.60 24.27
C LEU B 268 -26.75 12.07 24.59
N LYS B 269 -25.79 12.42 25.41
CA LYS B 269 -25.65 13.83 25.72
C LYS B 269 -24.49 14.44 24.98
N ASN B 270 -23.36 13.79 25.11
CA ASN B 270 -22.18 14.28 24.49
C ASN B 270 -21.76 13.51 23.26
N HIS B 271 -22.40 12.37 22.96
CA HIS B 271 -21.93 11.63 21.79
C HIS B 271 -22.97 11.11 20.84
N GLU B 272 -22.43 10.62 19.72
CA GLU B 272 -23.20 10.02 18.66
C GLU B 272 -23.01 8.50 18.68
N ILE B 273 -24.12 7.78 18.49
CA ILE B 273 -24.08 6.31 18.42
C ILE B 273 -23.84 6.01 16.95
N SER B 274 -22.75 5.34 16.63
CA SER B 274 -22.46 5.06 15.25
C SER B 274 -22.14 3.63 14.99
N PHE B 275 -22.52 3.19 13.82
CA PHE B 275 -22.19 1.83 13.51
C PHE B 275 -21.32 1.81 12.27
N VAL B 276 -20.15 1.18 12.40
CA VAL B 276 -19.23 1.09 11.28
C VAL B 276 -19.13 -0.30 10.66
N ILE B 277 -19.35 -0.33 9.35
CA ILE B 277 -19.21 -1.59 8.66
C ILE B 277 -17.91 -1.75 7.93
N ALA B 278 -17.32 -2.88 8.17
CA ALA B 278 -16.07 -3.20 7.53
C ALA B 278 -16.23 -4.54 6.86
N ASN B 279 -16.01 -4.57 5.56
CA ASN B 279 -16.14 -5.83 4.85
C ASN B 279 -14.85 -6.60 4.85
N THR B 280 -14.89 -7.91 5.08
CA THR B 280 -13.63 -8.66 5.04
C THR B 280 -13.12 -8.88 3.64
N LEU B 281 -14.02 -8.74 2.68
CA LEU B 281 -13.71 -8.97 1.30
C LEU B 281 -13.54 -10.45 1.10
N VAL B 282 -14.05 -11.19 2.04
CA VAL B 282 -14.07 -12.63 1.90
C VAL B 282 -15.49 -12.91 1.51
N VAL B 283 -15.63 -13.49 0.34
CA VAL B 283 -16.90 -13.82 -0.26
C VAL B 283 -17.56 -15.01 0.36
N SER B 284 -18.78 -14.79 0.82
CA SER B 284 -19.56 -15.83 1.44
C SER B 284 -20.91 -15.90 0.76
N ASN B 285 -21.13 -16.98 0.01
CA ASN B 285 -22.40 -17.19 -0.65
C ASN B 285 -23.15 -18.31 0.08
N LYS B 286 -24.22 -17.95 0.79
CA LYS B 286 -24.93 -18.94 1.58
C LYS B 286 -25.37 -20.23 0.89
N PHE B 287 -25.74 -20.07 -0.38
CA PHE B 287 -26.21 -21.16 -1.20
C PHE B 287 -25.18 -22.22 -1.43
N GLU B 288 -24.05 -21.72 -1.91
CA GLU B 288 -22.90 -22.54 -2.25
C GLU B 288 -22.46 -23.54 -1.19
N THR B 289 -22.35 -23.10 0.07
CA THR B 289 -21.90 -23.96 1.19
C THR B 289 -23.02 -24.43 2.10
N ALA B 290 -24.23 -24.19 1.66
CA ALA B 290 -25.40 -24.51 2.42
C ALA B 290 -25.42 -25.84 3.18
N PRO B 291 -25.01 -26.95 2.57
CA PRO B 291 -25.09 -28.27 3.20
C PRO B 291 -24.05 -28.56 4.20
N THR B 292 -23.05 -27.71 4.21
CA THR B 292 -22.00 -27.88 5.18
C THR B 292 -22.04 -26.68 6.06
N ASN B 293 -22.65 -25.61 5.56
CA ASN B 293 -22.71 -24.44 6.40
C ASN B 293 -24.09 -24.09 6.87
N TYR B 294 -24.71 -23.19 6.11
CA TYR B 294 -26.00 -22.65 6.47
C TYR B 294 -27.06 -23.61 6.93
N ASN B 295 -27.36 -24.53 6.05
CA ASN B 295 -28.36 -25.54 6.28
C ASN B 295 -27.91 -26.58 7.25
N LEU B 296 -26.58 -26.82 7.40
CA LEU B 296 -26.17 -27.82 8.38
C LEU B 296 -26.64 -27.32 9.73
N ARG B 297 -26.47 -26.01 9.96
CA ARG B 297 -26.91 -25.31 11.18
C ARG B 297 -28.42 -25.49 11.46
N VAL B 298 -29.26 -25.13 10.50
CA VAL B 298 -30.70 -25.30 10.64
C VAL B 298 -31.05 -26.74 11.11
N VAL B 299 -30.46 -27.75 10.47
CA VAL B 299 -30.69 -29.14 10.90
C VAL B 299 -30.23 -29.41 12.34
N GLU B 300 -29.05 -28.87 12.71
CA GLU B 300 -28.51 -29.02 14.08
C GLU B 300 -29.43 -28.45 15.16
N VAL B 301 -29.99 -27.26 14.88
CA VAL B 301 -30.86 -26.63 15.87
C VAL B 301 -32.17 -27.34 15.94
N THR B 302 -32.57 -27.79 14.78
CA THR B 302 -33.83 -28.50 14.75
C THR B 302 -33.75 -29.77 15.54
N THR B 303 -32.70 -30.51 15.29
CA THR B 303 -32.56 -31.78 15.94
C THR B 303 -32.43 -31.55 17.39
N ALA B 304 -31.77 -30.47 17.70
CA ALA B 304 -31.58 -30.19 19.11
C ALA B 304 -32.89 -29.97 19.86
N ALA B 305 -33.79 -29.26 19.18
CA ALA B 305 -35.07 -28.96 19.74
C ALA B 305 -35.77 -30.27 20.02
N ASN B 306 -35.71 -31.17 19.05
CA ASN B 306 -36.35 -32.46 19.20
C ASN B 306 -35.72 -33.41 20.21
N VAL B 307 -34.42 -33.27 20.47
CA VAL B 307 -33.73 -34.12 21.43
C VAL B 307 -33.99 -33.59 22.83
N LEU B 308 -34.06 -32.28 22.93
CA LEU B 308 -34.39 -31.70 24.20
C LEU B 308 -35.81 -32.19 24.59
N ALA B 309 -36.68 -32.17 23.61
CA ALA B 309 -38.06 -32.56 23.82
C ALA B 309 -38.14 -33.97 24.31
N ALA B 310 -37.41 -34.85 23.64
CA ALA B 310 -37.42 -36.23 24.12
C ALA B 310 -36.82 -36.30 25.51
N THR B 311 -35.67 -35.71 25.69
CA THR B 311 -35.13 -35.75 27.01
C THR B 311 -36.13 -35.24 28.04
N TYR B 312 -36.98 -34.24 27.74
CA TYR B 312 -37.88 -33.74 28.77
C TYR B 312 -39.25 -34.34 28.83
N GLY B 313 -39.51 -35.28 27.96
CA GLY B 313 -40.77 -35.97 27.98
C GLY B 313 -41.93 -35.21 27.42
N VAL B 314 -41.66 -34.21 26.58
CA VAL B 314 -42.73 -33.45 25.95
C VAL B 314 -42.78 -33.74 24.46
N VAL B 315 -43.79 -33.18 23.82
CA VAL B 315 -43.99 -33.36 22.38
C VAL B 315 -44.06 -31.99 21.73
N LEU B 316 -43.15 -31.75 20.76
CA LEU B 316 -43.03 -30.47 20.06
C LEU B 316 -44.27 -29.93 19.33
N LEU B 317 -44.90 -30.73 18.47
CA LEU B 317 -46.06 -30.20 17.77
C LEU B 317 -47.33 -30.97 18.13
N ASN B 326 -42.68 -29.65 9.17
CA ASN B 326 -42.31 -29.01 10.43
C ASN B 326 -41.91 -29.97 11.54
N LYS B 327 -40.78 -29.66 12.14
CA LYS B 327 -40.28 -30.33 13.32
C LYS B 327 -40.26 -29.13 14.25
N GLY B 328 -40.55 -29.25 15.52
CA GLY B 328 -40.53 -27.99 16.24
C GLY B 328 -39.11 -27.40 16.25
N ASN B 329 -39.05 -26.15 16.73
CA ASN B 329 -37.80 -25.40 16.92
C ASN B 329 -37.57 -25.13 18.41
N LEU B 330 -36.53 -24.34 18.70
CA LEU B 330 -36.11 -24.02 20.06
C LEU B 330 -37.08 -23.20 20.89
N ARG B 331 -37.82 -22.32 20.23
CA ARG B 331 -38.81 -21.50 20.91
C ARG B 331 -39.96 -22.40 21.33
N ASP B 332 -40.34 -23.31 20.41
CA ASP B 332 -41.36 -24.28 20.73
C ASP B 332 -41.00 -25.08 22.00
N PHE B 333 -39.77 -25.66 22.07
CA PHE B 333 -39.37 -26.41 23.25
C PHE B 333 -39.61 -25.53 24.46
N MET B 334 -39.15 -24.30 24.35
CA MET B 334 -39.29 -23.37 25.45
C MET B 334 -40.73 -23.29 25.93
N ASN B 335 -41.65 -23.10 24.97
CA ASN B 335 -43.09 -23.00 25.24
C ASN B 335 -43.72 -24.24 25.81
N VAL B 336 -43.31 -25.36 25.25
CA VAL B 336 -43.87 -26.62 25.72
C VAL B 336 -43.38 -26.94 27.12
N TYR B 337 -42.10 -26.72 27.32
CA TYR B 337 -41.63 -26.99 28.62
C TYR B 337 -42.50 -26.20 29.57
N TYR B 338 -42.49 -24.88 29.40
CA TYR B 338 -43.24 -24.00 30.27
C TYR B 338 -44.71 -24.34 30.36
N ALA B 339 -45.21 -24.97 29.34
CA ALA B 339 -46.60 -25.25 29.46
C ALA B 339 -46.87 -26.45 30.34
N ARG B 340 -46.10 -27.51 30.12
CA ARG B 340 -46.27 -28.77 30.80
C ARG B 340 -45.83 -28.80 32.25
N TYR B 341 -44.75 -28.12 32.53
CA TYR B 341 -44.22 -28.19 33.87
C TYR B 341 -44.36 -26.93 34.63
N HIS B 342 -44.57 -25.84 33.93
CA HIS B 342 -44.72 -24.60 34.64
C HIS B 342 -46.12 -24.12 34.54
N ASN B 343 -46.94 -24.96 33.91
CA ASN B 343 -48.34 -24.68 33.78
C ASN B 343 -48.62 -23.29 33.24
N ILE B 344 -47.89 -22.97 32.19
CA ILE B 344 -48.08 -21.73 31.55
C ILE B 344 -48.69 -21.97 30.20
N SER B 345 -50.00 -21.83 30.21
CA SER B 345 -50.88 -22.02 29.08
C SER B 345 -50.55 -21.15 27.88
N THR B 346 -50.39 -19.85 28.12
CA THR B 346 -50.08 -18.96 27.03
C THR B 346 -48.62 -18.95 26.61
N PRO B 347 -48.42 -19.23 25.31
CA PRO B 347 -47.11 -19.26 24.69
C PRO B 347 -46.45 -17.91 24.80
N TRP B 348 -45.15 -17.91 25.02
CA TRP B 348 -44.47 -16.64 25.17
C TRP B 348 -44.89 -15.62 24.12
N ASN B 349 -45.10 -14.40 24.62
CA ASN B 349 -45.56 -13.25 23.84
C ASN B 349 -44.44 -12.33 23.43
N GLY B 350 -43.27 -12.49 24.03
CA GLY B 350 -42.17 -11.62 23.73
C GLY B 350 -41.85 -10.68 24.88
N ASP B 351 -42.70 -10.68 25.95
CA ASP B 351 -42.39 -9.80 27.07
C ASP B 351 -40.96 -10.04 27.46
N ILE B 352 -40.21 -9.00 27.34
CA ILE B 352 -38.81 -9.06 27.64
C ILE B 352 -38.53 -9.75 28.95
N GLU B 353 -39.09 -9.20 30.03
CA GLU B 353 -38.84 -9.74 31.36
C GLU B 353 -39.12 -11.21 31.55
N SER B 354 -40.28 -11.64 31.12
CA SER B 354 -40.57 -13.04 31.27
C SER B 354 -39.75 -13.86 30.27
N GLY B 355 -39.25 -13.15 29.26
CA GLY B 355 -38.44 -13.77 28.23
C GLY B 355 -37.04 -14.10 28.74
N ILE B 356 -36.42 -13.14 29.45
CA ILE B 356 -35.08 -13.32 29.98
C ILE B 356 -35.03 -14.46 30.95
N GLU B 357 -36.12 -14.55 31.64
CA GLU B 357 -36.28 -15.56 32.67
C GLU B 357 -36.30 -16.97 32.06
N ARG B 358 -37.21 -17.18 31.13
CA ARG B 358 -37.39 -18.45 30.44
C ARG B 358 -36.17 -18.94 29.65
N LEU B 359 -35.41 -17.98 29.11
CA LEU B 359 -34.24 -18.28 28.32
C LEU B 359 -33.10 -18.77 29.17
N THR B 360 -33.06 -18.14 30.34
CA THR B 360 -32.09 -18.47 31.34
C THR B 360 -32.36 -19.90 31.74
N LYS B 361 -33.64 -20.17 31.96
CA LYS B 361 -34.05 -21.50 32.31
C LYS B 361 -33.51 -22.43 31.26
N MET B 362 -33.83 -22.10 30.00
CA MET B 362 -33.40 -22.88 28.82
C MET B 362 -31.90 -23.19 28.85
N LEU B 363 -31.10 -22.17 29.13
CA LEU B 363 -29.68 -22.42 29.21
C LEU B 363 -29.32 -23.50 30.20
N VAL B 364 -30.07 -23.53 31.29
CA VAL B 364 -29.85 -24.53 32.33
C VAL B 364 -30.10 -25.94 31.78
N LEU B 365 -31.25 -26.10 31.17
CA LEU B 365 -31.63 -27.36 30.60
C LEU B 365 -30.58 -27.85 29.59
N VAL B 366 -30.07 -26.96 28.75
CA VAL B 366 -29.09 -27.41 27.76
C VAL B 366 -27.86 -27.99 28.43
N GLU B 367 -27.41 -27.24 29.39
CA GLU B 367 -26.23 -27.62 30.13
C GLU B 367 -26.48 -28.95 30.79
N GLU B 368 -27.66 -29.10 31.32
CA GLU B 368 -28.06 -30.31 32.04
C GLU B 368 -28.12 -31.52 31.14
N SER B 369 -28.72 -31.31 29.99
CA SER B 369 -28.99 -32.37 29.05
C SER B 369 -28.08 -32.60 27.87
N LEU B 370 -27.55 -31.56 27.26
CA LEU B 370 -26.75 -31.84 26.09
C LEU B 370 -25.29 -31.84 26.35
N ALA B 371 -24.88 -31.17 27.40
CA ALA B 371 -23.45 -31.05 27.71
C ALA B 371 -22.59 -32.32 27.77
N ASN B 372 -23.21 -33.46 28.10
CA ASN B 372 -22.48 -34.71 28.21
C ASN B 372 -21.84 -35.05 26.89
N LYS B 373 -22.46 -34.59 25.79
CA LYS B 373 -21.93 -34.83 24.45
C LYS B 373 -21.26 -33.64 23.71
N LYS B 374 -20.40 -32.87 24.41
CA LYS B 374 -19.70 -31.73 23.81
C LYS B 374 -19.05 -32.12 22.51
N GLN B 375 -18.77 -33.40 22.43
CA GLN B 375 -18.13 -33.93 21.25
C GLN B 375 -18.99 -34.02 20.00
N GLY B 376 -20.31 -33.87 20.13
CA GLY B 376 -21.16 -33.96 18.95
C GLY B 376 -21.90 -35.28 18.93
N PHE B 377 -23.08 -35.28 18.34
CA PHE B 377 -23.90 -36.46 18.28
C PHE B 377 -23.77 -37.16 16.96
N SER B 378 -23.64 -38.46 17.04
CA SER B 378 -23.59 -39.19 15.80
C SER B 378 -25.02 -39.42 15.45
N VAL B 379 -25.24 -39.88 14.26
CA VAL B 379 -26.59 -40.17 13.91
C VAL B 379 -27.11 -41.24 14.86
N ASP B 380 -26.22 -42.12 15.23
CA ASP B 380 -26.62 -43.15 16.12
C ASP B 380 -27.03 -42.51 17.45
N ASP B 381 -26.17 -41.65 17.97
CA ASP B 381 -26.49 -40.98 19.23
C ASP B 381 -27.84 -40.33 19.12
N VAL B 382 -28.08 -39.67 18.01
CA VAL B 382 -29.35 -38.99 17.83
C VAL B 382 -30.54 -39.96 17.83
N ALA B 383 -30.46 -40.95 16.95
CA ALA B 383 -31.51 -41.95 16.82
C ALA B 383 -31.94 -42.55 18.15
N GLN B 384 -30.96 -42.90 18.97
CA GLN B 384 -31.21 -43.44 20.29
C GLN B 384 -31.98 -42.43 21.16
N SER B 385 -31.46 -41.20 21.22
CA SER B 385 -32.07 -40.12 21.99
C SER B 385 -33.52 -39.92 21.58
N LEU B 386 -33.80 -40.15 20.32
CA LEU B 386 -35.16 -39.99 19.88
C LEU B 386 -35.98 -41.27 19.89
N ASN B 387 -35.39 -42.43 20.20
CA ASN B 387 -36.19 -43.65 20.11
C ASN B 387 -36.52 -43.70 18.63
N CYS B 388 -35.48 -43.93 17.89
CA CYS B 388 -35.62 -43.87 16.50
C CYS B 388 -34.66 -44.80 15.82
N SER B 389 -34.99 -45.06 14.56
CA SER B 389 -34.17 -45.87 13.72
C SER B 389 -33.43 -44.86 12.86
N ARG B 390 -32.17 -45.16 12.51
CA ARG B 390 -31.40 -44.26 11.69
C ARG B 390 -32.16 -43.72 10.50
N GLU B 391 -32.86 -44.59 9.78
CA GLU B 391 -33.62 -44.16 8.62
C GLU B 391 -34.75 -43.25 8.99
N GLU B 392 -35.26 -43.42 10.19
CA GLU B 392 -36.34 -42.57 10.61
C GLU B 392 -35.79 -41.15 10.71
N PHE B 393 -34.67 -41.04 11.42
CA PHE B 393 -34.06 -39.75 11.59
C PHE B 393 -33.75 -39.12 10.25
N THR B 394 -33.30 -40.00 9.40
CA THR B 394 -32.93 -39.62 8.08
C THR B 394 -34.08 -39.14 7.26
N ARG B 395 -35.10 -39.95 7.07
CA ARG B 395 -36.18 -39.41 6.25
C ARG B 395 -36.61 -38.05 6.78
N ASP B 396 -36.97 -38.13 8.04
CA ASP B 396 -37.51 -37.05 8.81
C ASP B 396 -36.65 -35.82 8.98
N TYR B 397 -35.37 -36.00 9.24
CA TYR B 397 -34.58 -34.82 9.45
C TYR B 397 -33.60 -34.46 8.32
N LEU B 398 -32.97 -35.46 7.73
CA LEU B 398 -31.95 -35.22 6.72
C LEU B 398 -32.37 -35.25 5.26
N THR B 399 -33.64 -35.30 4.98
CA THR B 399 -33.93 -35.41 3.57
C THR B 399 -34.48 -34.18 2.88
N THR B 400 -35.32 -33.41 3.59
CA THR B 400 -35.86 -32.21 3.00
C THR B 400 -34.76 -31.45 2.23
N SER B 401 -33.61 -31.34 2.86
CA SER B 401 -32.49 -30.65 2.27
C SER B 401 -31.21 -31.30 2.71
N PRO B 402 -30.50 -31.78 1.71
CA PRO B 402 -29.24 -32.45 1.84
C PRO B 402 -28.21 -31.61 2.58
N VAL B 403 -27.65 -32.24 3.57
CA VAL B 403 -26.65 -31.64 4.40
C VAL B 403 -25.51 -32.67 4.57
N ARG B 404 -24.27 -32.25 4.79
CA ARG B 404 -23.19 -33.22 4.95
C ARG B 404 -22.47 -32.98 6.24
N PHE B 405 -22.24 -34.04 6.95
CA PHE B 405 -21.58 -33.97 8.24
C PHE B 405 -21.29 -35.37 8.75
N GLN B 406 -20.57 -35.40 9.85
CA GLN B 406 -20.24 -36.65 10.49
C GLN B 406 -20.92 -36.69 11.83
N VAL B 407 -20.81 -35.56 12.52
CA VAL B 407 -21.38 -35.41 13.83
C VAL B 407 -22.28 -34.18 13.85
N LEU B 408 -23.24 -34.11 14.78
CA LEU B 408 -24.11 -32.95 14.92
C LEU B 408 -23.81 -32.30 16.28
N LYS B 409 -23.41 -31.02 16.29
CA LYS B 409 -23.06 -30.33 17.51
C LYS B 409 -24.22 -29.67 18.25
N LEU B 410 -25.13 -30.54 18.71
CA LEU B 410 -26.33 -30.16 19.44
C LEU B 410 -26.11 -29.31 20.66
N TYR B 411 -25.13 -29.61 21.46
CA TYR B 411 -24.97 -28.76 22.61
C TYR B 411 -24.67 -27.34 22.20
N GLN B 412 -23.63 -27.21 21.43
CA GLN B 412 -23.13 -25.92 20.96
C GLN B 412 -24.12 -24.98 20.29
N ARG B 413 -24.85 -25.49 19.29
CA ARG B 413 -25.82 -24.70 18.55
C ARG B 413 -26.96 -24.20 19.44
N ALA B 414 -27.47 -25.10 20.26
CA ALA B 414 -28.54 -24.74 21.16
C ALA B 414 -28.11 -23.66 22.14
N LYS B 415 -26.96 -23.88 22.75
CA LYS B 415 -26.42 -22.90 23.67
C LYS B 415 -26.35 -21.57 22.96
N HIS B 416 -25.78 -21.56 21.76
CA HIS B 416 -25.72 -20.30 21.02
C HIS B 416 -27.10 -19.66 20.87
N VAL B 417 -28.00 -20.43 20.30
CA VAL B 417 -29.33 -19.91 20.07
C VAL B 417 -29.98 -19.21 21.25
N TYR B 418 -30.08 -19.95 22.34
CA TYR B 418 -30.71 -19.43 23.52
C TYR B 418 -29.92 -18.25 24.06
N SER B 419 -28.63 -18.42 24.15
CA SER B 419 -27.86 -17.31 24.67
C SER B 419 -27.99 -16.07 23.75
N GLU B 420 -27.82 -16.28 22.44
CA GLU B 420 -27.93 -15.13 21.58
C GLU B 420 -29.26 -14.42 21.75
N SER B 421 -30.37 -15.14 21.80
CA SER B 421 -31.68 -14.48 21.94
C SER B 421 -31.79 -13.65 23.20
N LEU B 422 -31.16 -14.16 24.22
CA LEU B 422 -31.17 -13.46 25.47
C LEU B 422 -30.50 -12.10 25.27
N ARG B 423 -29.35 -12.15 24.61
CA ARG B 423 -28.59 -10.94 24.35
C ARG B 423 -29.45 -9.91 23.64
N VAL B 424 -30.24 -10.44 22.76
CA VAL B 424 -31.09 -9.54 22.04
C VAL B 424 -31.99 -8.78 23.03
N LEU B 425 -32.68 -9.56 23.86
CA LEU B 425 -33.60 -9.02 24.82
C LEU B 425 -32.96 -7.91 25.62
N LYS B 426 -31.77 -8.17 26.07
CA LYS B 426 -31.08 -7.16 26.85
C LYS B 426 -30.75 -5.94 26.01
N ALA B 427 -30.43 -6.22 24.73
CA ALA B 427 -30.06 -5.21 23.76
C ALA B 427 -31.16 -4.19 23.61
N VAL B 428 -32.34 -4.72 23.37
CA VAL B 428 -33.54 -3.94 23.25
C VAL B 428 -33.59 -3.02 24.46
N LYS B 429 -33.71 -3.62 25.63
CA LYS B 429 -33.74 -2.88 26.87
C LYS B 429 -32.79 -1.68 26.82
N LEU B 430 -31.52 -1.92 26.53
CA LEU B 430 -30.51 -0.88 26.48
C LEU B 430 -30.94 0.29 25.62
N MET B 431 -31.35 -0.05 24.42
CA MET B 431 -31.75 0.86 23.39
C MET B 431 -33.14 1.42 23.52
N THR B 432 -33.80 1.18 24.61
CA THR B 432 -35.14 1.71 24.67
C THR B 432 -35.43 2.40 25.99
N THR B 433 -34.92 1.75 27.02
CA THR B 433 -35.10 2.18 28.39
C THR B 433 -33.79 2.76 28.98
N ASP B 439 -22.97 8.08 30.13
CA ASP B 439 -22.78 8.07 28.67
C ASP B 439 -21.96 6.87 28.16
N GLU B 440 -20.74 6.69 28.65
CA GLU B 440 -19.92 5.55 28.23
C GLU B 440 -20.70 4.28 28.56
N ASP B 441 -21.57 4.46 29.54
CA ASP B 441 -22.44 3.42 30.08
C ASP B 441 -23.12 2.60 28.99
N PHE B 442 -23.49 3.28 27.91
CA PHE B 442 -24.14 2.60 26.81
C PHE B 442 -23.14 1.86 25.94
N PHE B 443 -22.18 2.62 25.45
CA PHE B 443 -21.15 2.08 24.61
C PHE B 443 -20.54 0.83 25.25
N LYS B 444 -20.47 0.83 26.55
CA LYS B 444 -19.85 -0.29 27.25
C LYS B 444 -20.72 -1.53 27.35
N GLN B 445 -21.94 -1.29 27.78
CA GLN B 445 -22.93 -2.28 27.96
C GLN B 445 -23.32 -2.84 26.63
N PHE B 446 -23.67 -1.96 25.73
CA PHE B 446 -24.07 -2.42 24.42
C PHE B 446 -22.94 -3.12 23.67
N GLY B 447 -21.75 -2.55 23.78
CA GLY B 447 -20.60 -3.10 23.13
C GLY B 447 -20.36 -4.49 23.64
N ALA B 448 -20.53 -4.65 24.93
CA ALA B 448 -20.26 -5.99 25.44
C ALA B 448 -21.16 -7.10 24.88
N LEU B 449 -22.40 -6.76 24.66
CA LEU B 449 -23.34 -7.67 24.10
C LEU B 449 -22.87 -8.12 22.71
N MET B 450 -22.32 -7.15 21.94
CA MET B 450 -21.79 -7.39 20.60
C MET B 450 -20.65 -8.39 20.66
N ASN B 451 -19.77 -8.16 21.62
CA ASN B 451 -18.60 -9.01 21.79
C ASN B 451 -18.91 -10.44 22.20
N GLU B 452 -19.94 -10.58 23.05
CA GLU B 452 -20.38 -11.89 23.51
C GLU B 452 -20.98 -12.67 22.35
N SER B 453 -21.76 -11.91 21.58
CA SER B 453 -22.35 -12.44 20.38
C SER B 453 -21.25 -12.99 19.48
N GLN B 454 -20.29 -12.15 19.17
CA GLN B 454 -19.18 -12.60 18.36
C GLN B 454 -18.50 -13.84 18.93
N ALA B 455 -18.18 -13.79 20.22
CA ALA B 455 -17.53 -14.94 20.83
C ALA B 455 -18.32 -16.25 20.61
N SER B 456 -19.62 -16.08 20.76
CA SER B 456 -20.54 -17.16 20.63
C SER B 456 -20.53 -17.66 19.18
N CYS B 457 -20.72 -16.75 18.25
CA CYS B 457 -20.76 -17.09 16.83
C CYS B 457 -19.54 -17.86 16.42
N ASP B 458 -18.46 -17.34 16.96
CA ASP B 458 -17.19 -17.93 16.67
C ASP B 458 -17.05 -19.28 17.34
N LYS B 459 -17.01 -19.29 18.66
CA LYS B 459 -16.80 -20.54 19.34
C LYS B 459 -17.93 -21.56 19.39
N LEU B 460 -19.17 -21.13 19.54
CA LEU B 460 -20.26 -22.11 19.62
C LEU B 460 -20.85 -22.46 18.28
N TYR B 461 -21.09 -21.46 17.42
CA TYR B 461 -21.71 -21.68 16.13
C TYR B 461 -20.77 -21.97 15.01
N GLU B 462 -19.54 -21.53 15.20
CA GLU B 462 -18.53 -21.77 14.21
C GLU B 462 -18.82 -21.20 12.84
N CYS B 463 -19.11 -19.91 12.80
CA CYS B 463 -19.41 -19.26 11.56
C CYS B 463 -18.61 -17.95 11.42
N SER B 464 -17.44 -17.95 12.08
CA SER B 464 -16.50 -16.85 12.01
C SER B 464 -15.40 -17.32 11.06
N CYS B 465 -14.39 -16.47 10.88
CA CYS B 465 -13.22 -16.73 10.04
C CYS B 465 -12.09 -15.82 10.51
N PRO B 466 -10.88 -16.21 10.20
CA PRO B 466 -9.68 -15.52 10.60
C PRO B 466 -9.80 -14.04 10.34
N GLU B 467 -10.18 -13.77 9.11
CA GLU B 467 -10.33 -12.41 8.66
C GLU B 467 -11.31 -11.61 9.56
N ILE B 468 -12.44 -12.27 9.94
CA ILE B 468 -13.46 -11.64 10.80
C ILE B 468 -12.89 -11.33 12.17
N ASP B 469 -12.13 -12.30 12.62
CA ASP B 469 -11.46 -12.21 13.88
C ASP B 469 -10.53 -11.02 13.84
N LYS B 470 -9.50 -11.08 13.00
CA LYS B 470 -8.59 -9.95 12.90
C LYS B 470 -9.33 -8.63 12.86
N ILE B 471 -10.28 -8.51 11.99
CA ILE B 471 -10.93 -7.22 11.99
C ILE B 471 -11.44 -6.75 13.35
N CYS B 472 -12.12 -7.63 14.08
CA CYS B 472 -12.67 -7.25 15.38
C CYS B 472 -11.59 -6.90 16.41
N SER B 473 -10.46 -7.63 16.39
CA SER B 473 -9.36 -7.33 17.30
C SER B 473 -9.04 -5.87 17.13
N ILE B 474 -8.35 -5.60 16.04
CA ILE B 474 -7.97 -4.26 15.71
C ILE B 474 -9.04 -3.22 16.06
N ALA B 475 -10.31 -3.44 15.71
CA ALA B 475 -11.30 -2.42 16.01
C ALA B 475 -11.47 -2.06 17.48
N LEU B 476 -11.53 -3.09 18.28
CA LEU B 476 -11.72 -2.88 19.70
C LEU B 476 -10.50 -2.25 20.28
N SER B 477 -9.38 -2.69 19.79
CA SER B 477 -8.10 -2.17 20.24
C SER B 477 -7.72 -0.91 19.47
N ASN B 478 -8.72 -0.14 18.99
CA ASN B 478 -8.44 1.08 18.24
C ASN B 478 -9.67 1.98 18.21
N GLY B 479 -10.62 1.76 19.10
CA GLY B 479 -11.74 2.70 19.04
C GLY B 479 -13.14 2.12 19.06
N SER B 480 -13.23 0.79 18.89
CA SER B 480 -14.52 0.13 18.92
C SER B 480 -14.94 -0.34 20.32
N TYR B 481 -16.25 -0.22 20.61
CA TYR B 481 -16.84 -0.66 21.88
C TYR B 481 -17.46 -2.06 21.77
N GLY B 482 -17.77 -2.44 20.52
CA GLY B 482 -18.36 -3.71 20.15
C GLY B 482 -18.10 -4.06 18.69
N SER B 483 -17.48 -5.21 18.47
CA SER B 483 -17.18 -5.68 17.14
C SER B 483 -17.69 -7.10 16.91
N ARG B 484 -18.33 -7.32 15.77
CA ARG B 484 -18.86 -8.66 15.45
C ARG B 484 -19.26 -8.80 14.00
N LEU B 485 -19.28 -10.04 13.53
CA LEU B 485 -19.76 -10.36 12.22
C LEU B 485 -21.25 -9.99 12.16
N THR B 486 -21.76 -9.97 10.95
CA THR B 486 -23.14 -9.64 10.74
C THR B 486 -23.56 -10.48 9.54
N GLY B 487 -24.78 -10.98 9.56
CA GLY B 487 -25.20 -11.88 8.51
C GLY B 487 -24.77 -13.28 8.90
N ALA B 488 -24.84 -14.18 7.94
CA ALA B 488 -24.48 -15.56 8.18
C ALA B 488 -23.06 -15.88 8.73
N GLY B 489 -22.05 -15.08 8.43
CA GLY B 489 -20.70 -15.41 8.88
C GLY B 489 -19.89 -16.07 7.74
N TRP B 490 -18.81 -16.81 8.08
CA TRP B 490 -17.97 -17.49 7.08
C TRP B 490 -17.32 -16.51 6.10
N GLY B 491 -17.24 -15.26 6.53
CA GLY B 491 -16.71 -14.23 5.68
C GLY B 491 -17.71 -13.06 5.60
N GLY B 492 -17.67 -12.26 4.53
CA GLY B 492 -18.61 -11.18 4.53
C GLY B 492 -18.11 -9.98 5.37
N CYS B 493 -19.07 -9.26 5.97
CA CYS B 493 -18.82 -8.07 6.77
C CYS B 493 -18.89 -8.24 8.28
N THR B 494 -18.45 -7.17 8.92
CA THR B 494 -18.45 -7.00 10.36
C THR B 494 -19.11 -5.67 10.68
N VAL B 495 -19.45 -5.50 11.96
CA VAL B 495 -20.08 -4.30 12.49
C VAL B 495 -19.34 -3.83 13.72
N HIS B 496 -19.39 -2.54 13.94
CA HIS B 496 -18.71 -1.99 15.06
C HIS B 496 -19.45 -0.81 15.65
N LEU B 497 -19.49 -0.84 16.98
CA LEU B 497 -20.11 0.24 17.73
C LEU B 497 -19.02 1.26 18.03
N VAL B 498 -19.07 2.40 17.34
CA VAL B 498 -18.09 3.47 17.54
C VAL B 498 -18.81 4.76 17.87
N PRO B 499 -18.27 5.49 18.84
CA PRO B 499 -18.82 6.77 19.21
C PRO B 499 -18.51 7.65 18.04
N GLY B 500 -19.57 8.24 17.50
CA GLY B 500 -19.38 9.06 16.34
C GLY B 500 -19.54 10.52 16.64
N GLY B 501 -19.49 11.25 15.52
CA GLY B 501 -19.60 12.68 15.51
C GLY B 501 -18.24 13.33 15.63
N PRO B 502 -18.30 14.60 16.00
CA PRO B 502 -17.13 15.45 16.18
C PRO B 502 -16.26 15.00 17.35
N ASN B 503 -16.94 14.48 18.38
CA ASN B 503 -16.31 13.96 19.59
C ASN B 503 -16.03 12.47 19.43
N GLY B 504 -16.33 12.01 18.22
CA GLY B 504 -16.22 10.64 17.74
C GLY B 504 -14.84 10.10 17.33
N ASN B 505 -14.82 8.75 17.31
CA ASN B 505 -13.69 7.88 17.02
C ASN B 505 -13.73 7.13 15.71
N ILE B 506 -14.53 7.58 14.76
CA ILE B 506 -14.62 6.87 13.50
C ILE B 506 -13.31 6.80 12.71
N GLU B 507 -12.72 7.98 12.47
CA GLU B 507 -11.48 8.09 11.72
C GLU B 507 -10.38 7.19 12.29
N LYS B 508 -10.27 7.26 13.60
CA LYS B 508 -9.28 6.46 14.26
C LYS B 508 -9.35 4.99 13.86
N VAL B 509 -10.56 4.46 13.91
CA VAL B 509 -10.80 3.08 13.56
C VAL B 509 -10.52 2.81 12.10
N LYS B 510 -11.23 3.59 11.27
CA LYS B 510 -11.15 3.54 9.81
C LYS B 510 -9.68 3.36 9.46
N GLU B 511 -8.90 4.23 10.07
CA GLU B 511 -7.48 4.13 9.80
C GLU B 511 -6.84 2.86 10.26
N ALA B 512 -6.86 2.67 11.55
CA ALA B 512 -6.30 1.47 12.14
C ALA B 512 -6.60 0.22 11.27
N LEU B 513 -7.82 0.18 10.78
CA LEU B 513 -8.23 -0.94 9.97
C LEU B 513 -7.49 -1.08 8.65
N ALA B 514 -7.53 0.05 7.94
CA ALA B 514 -6.93 0.17 6.64
C ALA B 514 -5.49 -0.31 6.72
N ASN B 515 -4.80 0.36 7.64
CA ASN B 515 -3.39 0.13 7.88
C ASN B 515 -3.09 -1.23 8.44
N GLU B 516 -3.91 -1.63 9.39
CA GLU B 516 -3.68 -2.91 9.97
C GLU B 516 -4.33 -4.06 9.23
N PHE B 517 -5.38 -3.81 8.45
CA PHE B 517 -5.93 -4.98 7.85
C PHE B 517 -5.70 -5.08 6.37
N TYR B 518 -6.49 -4.30 5.72
CA TYR B 518 -6.53 -4.29 4.30
C TYR B 518 -5.20 -4.18 3.59
N LYS B 519 -4.49 -3.13 3.93
CA LYS B 519 -3.23 -2.91 3.25
C LYS B 519 -2.22 -4.00 3.49
N VAL B 520 -2.52 -4.79 4.49
CA VAL B 520 -1.66 -5.87 4.87
C VAL B 520 -2.04 -7.17 4.18
N LYS B 521 -3.36 -7.41 4.09
CA LYS B 521 -3.87 -8.61 3.47
C LYS B 521 -4.14 -8.40 2.00
N TYR B 522 -4.64 -7.21 1.69
CA TYR B 522 -4.98 -6.88 0.33
C TYR B 522 -4.15 -5.70 -0.16
N PRO B 523 -2.84 -5.83 -0.07
CA PRO B 523 -1.87 -4.80 -0.46
C PRO B 523 -2.17 -4.07 -1.76
N LYS B 524 -2.45 -4.83 -2.80
CA LYS B 524 -2.75 -4.17 -4.05
C LYS B 524 -3.89 -3.16 -3.88
N ILE B 525 -4.66 -3.28 -2.77
CA ILE B 525 -5.82 -2.41 -2.42
C ILE B 525 -5.72 -0.92 -2.76
N THR B 526 -6.78 -0.46 -3.42
CA THR B 526 -6.90 0.92 -3.77
C THR B 526 -7.75 1.65 -2.78
N ASP B 527 -7.37 2.89 -2.58
CA ASP B 527 -8.03 3.81 -1.68
C ASP B 527 -9.50 3.97 -2.02
N ALA B 528 -9.87 3.63 -3.24
CA ALA B 528 -11.27 3.70 -3.57
C ALA B 528 -11.92 2.40 -3.16
N GLU B 529 -11.17 1.30 -3.30
CA GLU B 529 -11.65 -0.01 -2.89
C GLU B 529 -11.92 0.09 -1.39
N LEU B 530 -10.85 0.48 -0.75
CA LEU B 530 -10.77 0.67 0.66
C LEU B 530 -11.98 1.45 1.13
N GLU B 531 -12.20 2.52 0.42
CA GLU B 531 -13.29 3.40 0.72
C GLU B 531 -14.60 2.65 0.83
N ASN B 532 -14.80 1.75 -0.13
CA ASN B 532 -16.00 0.94 -0.23
C ASN B 532 -16.15 -0.20 0.77
N ALA B 533 -15.03 -0.65 1.35
CA ALA B 533 -15.09 -1.70 2.35
C ALA B 533 -15.52 -1.14 3.72
N ILE B 534 -15.07 0.07 3.96
CA ILE B 534 -15.39 0.66 5.21
C ILE B 534 -16.49 1.67 5.04
N ILE B 535 -17.51 1.45 5.85
CA ILE B 535 -18.69 2.26 5.78
C ILE B 535 -19.24 2.64 7.13
N VAL B 536 -19.95 3.74 7.09
CA VAL B 536 -20.59 4.26 8.25
C VAL B 536 -22.06 4.28 7.97
N SER B 537 -22.71 3.29 8.52
CA SER B 537 -24.11 3.13 8.33
C SER B 537 -25.00 4.23 8.92
N LYS B 538 -26.21 4.31 8.34
CA LYS B 538 -27.29 5.19 8.73
C LYS B 538 -28.60 4.54 8.31
N PRO B 539 -29.44 4.19 9.28
CA PRO B 539 -30.70 3.55 8.96
C PRO B 539 -31.32 4.17 7.74
N ALA B 540 -31.68 3.30 6.82
CA ALA B 540 -32.24 3.71 5.58
C ALA B 540 -33.66 3.26 5.35
N LEU B 541 -34.27 3.98 4.47
CA LEU B 541 -35.62 3.66 4.12
C LEU B 541 -35.68 2.27 3.48
N GLY B 542 -36.75 1.59 3.68
CA GLY B 542 -36.92 0.26 3.12
C GLY B 542 -37.42 0.34 1.69
N SER B 543 -38.16 -0.64 1.33
CA SER B 543 -38.73 -0.78 0.00
C SER B 543 -39.59 0.40 -0.41
N CYS B 544 -39.45 0.84 -1.64
CA CYS B 544 -40.36 1.89 -2.11
C CYS B 544 -40.32 2.00 -3.60
N LEU B 545 -41.32 2.70 -4.10
CA LEU B 545 -41.49 2.87 -5.54
C LEU B 545 -41.29 4.30 -6.02
N TYR B 546 -41.21 4.28 -7.31
CA TYR B 546 -40.97 5.49 -8.04
C TYR B 546 -41.69 5.44 -9.35
N GLU B 547 -42.58 6.37 -9.46
CA GLU B 547 -43.37 6.48 -10.64
C GLU B 547 -42.83 7.44 -11.65
N LEU B 548 -42.82 6.91 -12.88
CA LEU B 548 -42.58 7.69 -14.07
C LEU B 548 -43.64 7.34 -15.30
C1 GLA C . 28.50 15.16 -6.23
C2 GLA C . 28.10 14.12 -7.31
C3 GLA C . 29.27 13.82 -8.25
C4 GLA C . 29.92 15.10 -8.79
C5 GLA C . 30.20 16.05 -7.62
C6 GLA C . 30.68 17.41 -8.07
O1 GLA C . 29.53 14.72 -5.34
O2 GLA C . 27.61 12.88 -6.76
O3 GLA C . 28.88 12.94 -9.31
O4 GLA C . 29.28 15.78 -9.88
O5 GLA C . 29.02 16.31 -6.88
O6 GLA C . 31.89 17.20 -8.79
MG MG D . 27.04 17.23 -1.08
CL CL E . 14.33 -3.94 -6.58
PG ANP F . 27.68 13.77 0.39
O1G ANP F . 28.76 13.74 -0.65
O2G ANP F . 27.53 15.17 0.92
O3G ANP F . 27.94 12.78 1.61
PB ANP F . 24.80 13.84 -0.25
O1B ANP F . 24.92 15.32 -0.53
O2B ANP F . 23.88 13.17 -1.26
N3B ANP F . 26.30 13.24 -0.31
PA ANP F . 24.36 12.57 2.32
O1A ANP F . 25.80 12.54 2.84
O2A ANP F . 23.46 12.94 3.43
O3A ANP F . 24.14 13.65 1.18
O5' ANP F . 24.00 11.11 1.75
C5' ANP F . 22.78 11.04 1.01
C4' ANP F . 21.75 10.16 1.71
O4' ANP F . 22.19 8.76 1.80
C3' ANP F . 21.39 10.54 3.15
O3' ANP F . 20.52 11.68 3.20
C2' ANP F . 20.79 9.22 3.64
O2' ANP F . 19.39 9.09 3.29
C1' ANP F . 21.65 8.15 2.94
N9 ANP F . 22.79 7.84 3.76
C8 ANP F . 24.02 8.42 3.73
N7 ANP F . 24.83 8.01 4.72
C5 ANP F . 24.04 7.09 5.41
C6 ANP F . 24.34 6.32 6.55
N6 ANP F . 25.39 6.34 7.21
N1 ANP F . 23.32 5.50 6.91
C2 ANP F . 22.10 5.43 6.27
N3 ANP F . 21.79 6.15 5.22
C4 ANP F . 22.80 6.96 4.83
C1 GLA G . -28.57 -15.01 6.40
C2 GLA G . -30.03 -15.40 6.42
C3 GLA G . -30.76 -14.73 7.60
C4 GLA G . -30.08 -15.09 8.91
C5 GLA G . -28.61 -14.71 8.81
C6 GLA G . -27.84 -15.16 10.03
O1 GLA G . -28.53 -13.59 6.21
O2 GLA G . -30.65 -14.99 5.21
O3 GLA G . -32.13 -15.12 7.66
O4 GLA G . -30.26 -16.46 9.35
O5 GLA G . -27.97 -15.35 7.68
O6 GLA G . -28.41 -14.51 11.17
MG MG H . -23.52 -14.64 3.05
CL CL I . -44.41 -17.57 -10.94
PG ANP J . -25.37 -12.01 1.01
O1G ANP J . -25.94 -11.63 2.34
O2G ANP J . -24.02 -12.61 1.24
O3G ANP J . -25.28 -10.78 -0.01
PB ANP J . -25.96 -14.50 -0.28
O1B ANP J . -24.94 -15.25 0.57
O2B ANP J . -27.25 -15.30 -0.45
N3B ANP J . -26.33 -13.10 0.36
PA ANP J . -25.36 -13.14 -2.77
O1A ANP J . -25.05 -11.80 -2.15
O2A ANP J . -24.38 -13.50 -3.85
O3A ANP J . -25.27 -14.31 -1.70
O5' ANP J . -26.78 -13.10 -3.39
C5' ANP J . -27.20 -14.42 -3.67
C4' ANP J . -27.67 -14.48 -5.11
O4' ANP J . -28.68 -13.45 -5.35
C3' ANP J . -26.60 -14.21 -6.15
O3' ANP J . -25.68 -15.32 -6.31
C2' ANP J . -27.50 -13.80 -7.35
O2' ANP J . -28.11 -14.86 -8.10
C1' ANP J . -28.57 -12.99 -6.65
N9 ANP J . -28.08 -11.64 -6.59
C8 ANP J . -27.59 -10.95 -5.52
N7 ANP J . -27.30 -9.69 -5.83
C5 ANP J . -27.60 -9.61 -7.19
C6 ANP J . -27.52 -8.54 -8.10
N6 ANP J . -27.11 -7.38 -7.91
N1 ANP J . -27.89 -8.86 -9.35
C2 ANP J . -28.37 -10.09 -9.73
N3 ANP J . -28.46 -11.11 -8.92
C4 ANP J . -28.06 -10.80 -7.66
#